data_3UMP
#
_entry.id   3UMP
#
_cell.length_a   43.856
_cell.length_b   88.914
_cell.length_c   176.405
_cell.angle_alpha   90.000
_cell.angle_beta   90.000
_cell.angle_gamma   90.000
#
_symmetry.space_group_name_H-M   'P 2 2 21'
#
loop_
_entity.id
_entity.type
_entity.pdbx_description
1 polymer '6-phosphofructokinase isozyme 2'
2 non-polymer "ADENOSINE-5'-TRIPHOSPHATE"
3 non-polymer 'MAGNESIUM ION'
4 non-polymer 'CESIUM ION'
5 water water
#
_entity_poly.entity_id   1
_entity_poly.type   'polypeptide(L)'
_entity_poly.pdbx_seq_one_letter_code
;MVRIYTLTLAPSLDSATITPQIYPEGKLRCTAPVFEPGGGGINVARAIAHLGGSATAIFPAGGATGEHLVSLLADENVPV
ATVEAKDWTRQNLHVHVEASGEQYRFVMPGAALNEDEFRQLEEQVLEIESGAILVISGSLPPGVKLEKLTQLISAAQKQG
IRCIVDSSGEALSAALAIGNIELVKPNQKELSALVNRELTQPDDVRKAAQEIVNSGKAKRVVVSLGPQGALGVDSENCIQ
VVPPPVKSQSTVGAGDSMVGAMTLKLAENASLEEMVRFGVAAGSAATLNQGTRLCSHDDTQKIYAYLSR
;
_entity_poly.pdbx_strand_id   A,B
#
loop_
_chem_comp.id
_chem_comp.type
_chem_comp.name
_chem_comp.formula
ATP non-polymer ADENOSINE-5'-TRIPHOSPHATE 'C10 H16 N5 O13 P3'
CS non-polymer 'CESIUM ION' 'Cs 1'
MG non-polymer 'MAGNESIUM ION' 'Mg 2'
#
# COMPACT_ATOMS: atom_id res chain seq x y z
N MET A 1 6.38 -40.10 -7.34
CA MET A 1 6.13 -38.89 -6.55
C MET A 1 4.85 -38.19 -6.99
N VAL A 2 4.03 -37.82 -6.01
CA VAL A 2 2.68 -37.35 -6.28
C VAL A 2 2.65 -35.87 -6.67
N ARG A 3 1.53 -35.43 -7.24
CA ARG A 3 1.37 -34.03 -7.61
C ARG A 3 1.10 -33.18 -6.36
N ILE A 4 1.57 -31.94 -6.42
CA ILE A 4 1.42 -30.99 -5.31
C ILE A 4 0.60 -29.77 -5.76
N TYR A 5 -0.36 -29.38 -4.96
CA TYR A 5 -1.15 -28.17 -5.20
C TYR A 5 -1.10 -27.31 -3.94
N THR A 6 -1.31 -26.00 -4.10
CA THR A 6 -1.49 -25.13 -2.93
C THR A 6 -2.77 -24.31 -3.08
N LEU A 7 -3.31 -23.89 -1.94
CA LEU A 7 -4.51 -23.07 -1.93
C LEU A 7 -4.27 -21.83 -1.09
N THR A 8 -4.56 -20.67 -1.65
CA THR A 8 -4.37 -19.39 -0.98
C THR A 8 -5.68 -18.63 -1.10
N LEU A 9 -6.46 -18.58 -0.03
CA LEU A 9 -7.73 -17.89 -0.08
C LEU A 9 -7.55 -16.37 -0.05
N ALA A 10 -6.43 -15.94 0.51
CA ALA A 10 -6.13 -14.51 0.59
C ALA A 10 -4.81 -14.18 -0.06
N PRO A 11 -4.75 -14.20 -1.40
CA PRO A 11 -3.51 -13.78 -2.06
C PRO A 11 -3.33 -12.26 -2.07
N SER A 12 -2.15 -11.83 -2.47
CA SER A 12 -1.91 -10.40 -2.63
C SER A 12 -0.90 -10.11 -3.71
N LEU A 13 -0.97 -8.88 -4.24
CA LEU A 13 0.07 -8.38 -5.10
C LEU A 13 0.85 -7.39 -4.25
N ASP A 14 2.02 -7.79 -3.78
CA ASP A 14 2.76 -6.96 -2.83
C ASP A 14 3.64 -5.92 -3.53
N SER A 15 3.70 -4.73 -2.95
CA SER A 15 4.60 -3.69 -3.44
C SER A 15 5.83 -3.63 -2.55
N ALA A 16 7.01 -3.62 -3.16
CA ALA A 16 8.23 -3.40 -2.38
C ALA A 16 8.84 -2.06 -2.82
N THR A 17 9.00 -1.16 -1.86
CA THR A 17 9.51 0.18 -2.18
C THR A 17 10.65 0.56 -1.26
N ILE A 18 11.36 1.63 -1.60
CA ILE A 18 12.52 2.08 -0.83
C ILE A 18 12.30 3.55 -0.48
N THR A 19 12.73 3.94 0.73
CA THR A 19 12.69 5.33 1.15
C THR A 19 13.90 5.59 2.04
N PRO A 20 14.41 6.83 2.07
CA PRO A 20 15.69 7.02 2.76
C PRO A 20 15.57 6.98 4.28
N GLN A 21 14.46 7.46 4.84
CA GLN A 21 14.31 7.52 6.29
C GLN A 21 12.89 7.16 6.66
N ILE A 22 12.68 6.76 7.91
CA ILE A 22 11.32 6.55 8.38
C ILE A 22 11.05 7.38 9.62
N TYR A 23 9.97 8.16 9.55
CA TYR A 23 9.57 9.02 10.64
C TYR A 23 8.10 9.32 10.41
N PRO A 24 7.39 9.75 11.46
CA PRO A 24 5.95 9.98 11.28
C PRO A 24 5.66 11.39 10.77
N GLU A 25 4.38 11.61 10.46
CA GLU A 25 3.79 12.90 10.13
C GLU A 25 4.04 13.38 8.69
N GLY A 26 5.31 13.43 8.28
CA GLY A 26 5.64 13.92 6.95
C GLY A 26 5.36 12.89 5.86
N LYS A 27 5.36 13.33 4.61
CA LYS A 27 5.24 12.40 3.48
C LYS A 27 6.57 11.70 3.30
N LEU A 28 6.56 10.37 3.30
CA LEU A 28 7.77 9.64 2.97
C LEU A 28 7.79 9.29 1.48
N ARG A 29 8.71 9.90 0.76
CA ARG A 29 8.82 9.68 -0.69
C ARG A 29 9.38 8.29 -0.94
N CYS A 30 8.57 7.43 -1.54
CA CYS A 30 8.93 6.05 -1.79
C CYS A 30 9.18 5.82 -3.27
N THR A 31 10.13 4.93 -3.60
CA THR A 31 10.44 4.63 -5.00
C THR A 31 9.28 3.88 -5.68
N ALA A 32 9.24 3.94 -7.01
CA ALA A 32 8.25 3.20 -7.76
C ALA A 32 8.37 1.75 -7.33
N PRO A 33 7.24 1.15 -6.91
CA PRO A 33 7.37 -0.17 -6.30
C PRO A 33 7.66 -1.30 -7.29
N VAL A 34 8.38 -2.31 -6.81
CA VAL A 34 8.53 -3.58 -7.51
C VAL A 34 7.41 -4.50 -7.00
N PHE A 35 6.66 -5.10 -7.91
CA PHE A 35 5.55 -5.95 -7.50
C PHE A 35 5.98 -7.41 -7.39
N GLU A 36 5.49 -8.08 -6.35
CA GLU A 36 5.81 -9.48 -6.11
C GLU A 36 4.55 -10.25 -5.69
N PRO A 37 4.49 -11.53 -6.06
CA PRO A 37 3.40 -12.41 -5.63
C PRO A 37 3.38 -12.55 -4.11
N GLY A 38 2.20 -12.51 -3.52
CA GLY A 38 2.08 -12.64 -2.08
C GLY A 38 1.01 -13.65 -1.71
N GLY A 39 1.09 -14.16 -0.48
CA GLY A 39 0.11 -15.13 -0.02
C GLY A 39 0.77 -16.44 0.36
N GLY A 40 0.23 -17.10 1.40
CA GLY A 40 0.85 -18.31 1.94
C GLY A 40 1.08 -19.39 0.91
N GLY A 41 -0.01 -19.91 0.36
CA GLY A 41 0.08 -21.01 -0.59
C GLY A 41 0.84 -20.63 -1.83
N ILE A 42 0.71 -19.38 -2.25
CA ILE A 42 1.44 -18.88 -3.42
C ILE A 42 2.94 -18.94 -3.19
N ASN A 43 3.38 -18.50 -2.02
CA ASN A 43 4.81 -18.55 -1.69
C ASN A 43 5.34 -19.97 -1.46
N VAL A 44 4.48 -20.85 -0.97
CA VAL A 44 4.86 -22.26 -0.82
C VAL A 44 5.16 -22.82 -2.20
N ALA A 45 4.32 -22.50 -3.17
CA ALA A 45 4.53 -22.96 -4.54
C ALA A 45 5.80 -22.38 -5.15
N ARG A 46 6.09 -21.12 -4.85
CA ARG A 46 7.32 -20.49 -5.36
C ARG A 46 8.57 -21.13 -4.75
N ALA A 47 8.52 -21.42 -3.45
CA ALA A 47 9.66 -22.06 -2.79
C ALA A 47 9.87 -23.45 -3.37
N ILE A 48 8.78 -24.14 -3.68
CA ILE A 48 8.87 -25.48 -4.23
C ILE A 48 9.58 -25.47 -5.59
N ALA A 49 9.30 -24.44 -6.39
CA ALA A 49 10.00 -24.28 -7.66
C ALA A 49 11.48 -24.00 -7.45
N HIS A 50 11.82 -23.16 -6.48
CA HIS A 50 13.24 -22.88 -6.20
C HIS A 50 13.97 -24.16 -5.80
N LEU A 51 13.24 -25.07 -5.16
CA LEU A 51 13.86 -26.32 -4.72
C LEU A 51 13.83 -27.41 -5.76
N GLY A 52 13.31 -27.09 -6.95
CA GLY A 52 13.36 -28.02 -8.06
C GLY A 52 12.12 -28.86 -8.26
N GLY A 53 11.09 -28.61 -7.46
CA GLY A 53 9.83 -29.31 -7.63
C GLY A 53 8.82 -28.48 -8.40
N SER A 54 7.58 -28.97 -8.48
CA SER A 54 6.52 -28.22 -9.14
C SER A 54 5.23 -28.28 -8.33
N ALA A 55 4.56 -27.15 -8.17
CA ALA A 55 3.30 -27.13 -7.43
C ALA A 55 2.36 -26.11 -8.07
N THR A 56 1.09 -26.50 -8.17
CA THR A 56 0.10 -25.63 -8.78
C THR A 56 -0.58 -24.79 -7.72
N ALA A 57 -0.52 -23.47 -7.91
CA ALA A 57 -1.11 -22.55 -6.95
C ALA A 57 -2.55 -22.26 -7.34
N ILE A 58 -3.49 -22.64 -6.47
CA ILE A 58 -4.90 -22.32 -6.67
C ILE A 58 -5.26 -21.09 -5.84
N PHE A 59 -5.87 -20.09 -6.46
CA PHE A 59 -6.24 -18.85 -5.76
C PHE A 59 -7.26 -18.00 -6.52
N PRO A 60 -8.00 -17.14 -5.79
CA PRO A 60 -8.84 -16.15 -6.47
C PRO A 60 -8.02 -14.95 -6.92
N ALA A 61 -8.31 -14.46 -8.11
CA ALA A 61 -7.67 -13.25 -8.63
C ALA A 61 -8.71 -12.29 -9.15
N GLY A 62 -8.55 -11.00 -8.85
CA GLY A 62 -9.52 -10.01 -9.29
C GLY A 62 -8.86 -8.74 -9.80
N GLY A 63 -9.44 -8.17 -10.85
CA GLY A 63 -9.00 -6.88 -11.37
C GLY A 63 -7.60 -6.90 -11.96
N ALA A 64 -7.09 -5.70 -12.22
CA ALA A 64 -5.78 -5.54 -12.86
C ALA A 64 -4.64 -6.02 -11.96
N THR A 65 -4.79 -5.87 -10.65
CA THR A 65 -3.78 -6.37 -9.73
C THR A 65 -3.71 -7.89 -9.78
N GLY A 66 -4.88 -8.53 -9.86
CA GLY A 66 -4.94 -9.97 -9.95
C GLY A 66 -4.32 -10.46 -11.24
N GLU A 67 -4.55 -9.72 -12.32
CA GLU A 67 -3.96 -10.08 -13.61
C GLU A 67 -2.44 -10.03 -13.52
N HIS A 68 -1.95 -9.02 -12.83
CA HIS A 68 -0.50 -8.87 -12.70
C HIS A 68 0.08 -9.97 -11.83
N LEU A 69 -0.63 -10.33 -10.76
CA LEU A 69 -0.23 -11.43 -9.89
C LEU A 69 -0.05 -12.71 -10.72
N VAL A 70 -1.04 -12.99 -11.57
CA VAL A 70 -1.03 -14.17 -12.41
C VAL A 70 0.14 -14.12 -13.40
N SER A 71 0.35 -12.95 -13.99
CA SER A 71 1.43 -12.74 -14.96
C SER A 71 2.81 -12.94 -14.33
N LEU A 72 2.97 -12.50 -13.09
CA LEU A 72 4.22 -12.66 -12.38
C LEU A 72 4.56 -14.12 -12.15
N LEU A 73 3.55 -14.92 -11.81
CA LEU A 73 3.74 -16.34 -11.52
C LEU A 73 4.09 -17.11 -12.79
N ALA A 74 3.50 -16.69 -13.91
CA ALA A 74 3.80 -17.32 -15.19
C ALA A 74 5.25 -17.04 -15.57
N ASP A 75 5.72 -15.83 -15.27
CA ASP A 75 7.13 -15.48 -15.50
C ASP A 75 8.06 -16.33 -14.64
N GLU A 76 7.59 -16.74 -13.46
CA GLU A 76 8.37 -17.60 -12.56
C GLU A 76 8.13 -19.08 -12.84
N ASN A 77 7.36 -19.36 -13.89
CA ASN A 77 6.99 -20.74 -14.25
C ASN A 77 6.37 -21.52 -13.11
N VAL A 78 5.52 -20.84 -12.34
CA VAL A 78 4.68 -21.49 -11.35
C VAL A 78 3.29 -21.69 -11.98
N PRO A 79 2.85 -22.95 -12.12
CA PRO A 79 1.52 -23.21 -12.67
C PRO A 79 0.46 -22.66 -11.73
N VAL A 80 -0.61 -22.08 -12.29
CA VAL A 80 -1.73 -21.61 -11.47
C VAL A 80 -3.06 -22.19 -11.93
N ALA A 81 -4.04 -22.12 -11.04
CA ALA A 81 -5.42 -22.38 -11.42
C ALA A 81 -6.22 -21.35 -10.65
N THR A 82 -6.85 -20.44 -11.36
CA THR A 82 -7.46 -19.30 -10.70
C THR A 82 -8.97 -19.25 -10.87
N VAL A 83 -9.61 -18.56 -9.92
CA VAL A 83 -11.01 -18.22 -10.02
C VAL A 83 -11.08 -16.70 -10.09
N GLU A 84 -11.80 -16.17 -11.07
CA GLU A 84 -11.97 -14.72 -11.15
C GLU A 84 -12.88 -14.25 -10.02
N ALA A 85 -12.42 -13.29 -9.23
CA ALA A 85 -13.22 -12.76 -8.12
C ALA A 85 -13.69 -11.34 -8.41
N LYS A 86 -14.83 -10.96 -7.85
CA LYS A 86 -15.36 -9.60 -8.04
C LYS A 86 -14.49 -8.54 -7.36
N ASP A 87 -14.02 -8.84 -6.16
CA ASP A 87 -13.22 -7.86 -5.42
C ASP A 87 -11.77 -7.93 -5.88
N TRP A 88 -11.17 -6.77 -6.17
CA TRP A 88 -9.82 -6.73 -6.74
C TRP A 88 -8.74 -7.23 -5.78
N THR A 89 -7.75 -7.94 -6.32
CA THR A 89 -6.65 -8.47 -5.51
C THR A 89 -5.96 -7.35 -4.73
N ARG A 90 -5.83 -7.56 -3.41
CA ARG A 90 -5.31 -6.53 -2.50
C ARG A 90 -3.78 -6.51 -2.47
N GLN A 91 -3.23 -5.45 -1.87
CA GLN A 91 -1.78 -5.23 -1.90
C GLN A 91 -1.22 -4.98 -0.50
N ASN A 92 -0.18 -5.73 -0.15
CA ASN A 92 0.57 -5.42 1.06
C ASN A 92 1.79 -4.58 0.70
N LEU A 93 2.42 -3.98 1.69
CA LEU A 93 3.52 -3.05 1.42
C LEU A 93 4.76 -3.42 2.21
N HIS A 94 5.87 -3.56 1.49
CA HIS A 94 7.17 -3.82 2.09
C HIS A 94 8.03 -2.59 1.85
N VAL A 95 8.49 -1.96 2.93
CA VAL A 95 9.30 -0.76 2.83
C VAL A 95 10.72 -0.97 3.35
N HIS A 96 11.70 -0.81 2.48
CA HIS A 96 13.10 -0.82 2.91
C HIS A 96 13.56 0.60 3.23
N VAL A 97 14.10 0.81 4.44
CA VAL A 97 14.62 2.11 4.82
C VAL A 97 16.15 2.15 4.61
N GLU A 98 16.62 3.01 3.71
CA GLU A 98 18.03 3.03 3.36
C GLU A 98 18.97 3.35 4.53
N ALA A 99 18.63 4.37 5.31
CA ALA A 99 19.50 4.86 6.37
C ALA A 99 19.82 3.80 7.44
N SER A 100 18.87 2.90 7.69
CA SER A 100 19.02 1.91 8.76
C SER A 100 19.17 0.48 8.25
N GLY A 101 18.76 0.25 7.01
CA GLY A 101 18.80 -1.09 6.44
C GLY A 101 17.63 -1.93 6.93
N GLU A 102 16.73 -1.31 7.69
CA GLU A 102 15.57 -1.99 8.24
C GLU A 102 14.45 -2.15 7.21
N GLN A 103 13.57 -3.14 7.41
CA GLN A 103 12.44 -3.35 6.53
C GLN A 103 11.18 -3.33 7.36
N TYR A 104 10.14 -2.69 6.82
CA TYR A 104 8.85 -2.61 7.48
C TYR A 104 7.81 -3.29 6.61
N ARG A 105 6.95 -4.08 7.23
CA ARG A 105 6.03 -4.92 6.49
C ARG A 105 4.60 -4.65 6.97
N PHE A 106 3.79 -4.07 6.09
CA PHE A 106 2.40 -3.76 6.44
C PHE A 106 1.51 -4.78 5.75
N VAL A 107 0.87 -5.61 6.59
CA VAL A 107 0.08 -6.74 6.13
C VAL A 107 -1.41 -6.47 6.38
N MET A 108 -2.16 -6.35 5.29
CA MET A 108 -3.57 -6.02 5.33
C MET A 108 -4.35 -7.24 4.85
N PRO A 109 -5.67 -7.27 5.08
CA PRO A 109 -6.44 -8.46 4.70
C PRO A 109 -6.51 -8.67 3.21
N GLY A 110 -6.76 -9.90 2.80
CA GLY A 110 -6.98 -10.20 1.40
C GLY A 110 -8.32 -9.66 0.92
N ALA A 111 -8.53 -9.69 -0.38
CA ALA A 111 -9.80 -9.25 -0.95
C ALA A 111 -10.94 -10.14 -0.45
N ALA A 112 -12.15 -9.60 -0.50
CA ALA A 112 -13.33 -10.35 -0.09
C ALA A 112 -13.62 -11.49 -1.07
N LEU A 113 -14.22 -12.55 -0.54
CA LEU A 113 -14.70 -13.67 -1.36
C LEU A 113 -16.18 -13.86 -1.07
N ASN A 114 -17.00 -13.95 -2.12
CA ASN A 114 -18.41 -14.29 -1.90
C ASN A 114 -18.59 -15.80 -1.90
N GLU A 115 -19.80 -16.27 -1.60
CA GLU A 115 -20.03 -17.71 -1.49
C GLU A 115 -19.86 -18.45 -2.82
N ASP A 116 -20.27 -17.82 -3.92
CA ASP A 116 -20.10 -18.41 -5.25
C ASP A 116 -18.63 -18.64 -5.58
N GLU A 117 -17.81 -17.64 -5.32
CA GLU A 117 -16.39 -17.74 -5.60
C GLU A 117 -15.70 -18.82 -4.78
N PHE A 118 -16.11 -18.96 -3.52
CA PHE A 118 -15.51 -19.99 -2.67
C PHE A 118 -15.90 -21.37 -3.16
N ARG A 119 -17.16 -21.53 -3.58
CA ARG A 119 -17.61 -22.78 -4.20
C ARG A 119 -16.82 -23.08 -5.47
N GLN A 120 -16.45 -22.04 -6.22
CA GLN A 120 -15.63 -22.24 -7.40
C GLN A 120 -14.23 -22.72 -7.03
N LEU A 121 -13.71 -22.20 -5.93
CA LEU A 121 -12.38 -22.62 -5.46
C LEU A 121 -12.47 -24.08 -4.99
N GLU A 122 -13.54 -24.40 -4.29
CA GLU A 122 -13.82 -25.75 -3.83
C GLU A 122 -13.87 -26.74 -5.00
N GLU A 123 -14.48 -26.31 -6.10
CA GLU A 123 -14.58 -27.11 -7.31
C GLU A 123 -13.18 -27.42 -7.89
N GLN A 124 -12.29 -26.42 -7.90
CA GLN A 124 -10.92 -26.61 -8.36
C GLN A 124 -10.20 -27.67 -7.53
N VAL A 125 -10.35 -27.57 -6.21
CA VAL A 125 -9.69 -28.47 -5.27
C VAL A 125 -10.15 -29.91 -5.48
N LEU A 126 -11.44 -30.11 -5.69
CA LEU A 126 -11.98 -31.46 -5.83
C LEU A 126 -11.65 -32.09 -7.20
N GLU A 127 -11.05 -31.31 -8.09
CA GLU A 127 -10.51 -31.84 -9.34
C GLU A 127 -9.12 -32.45 -9.14
N ILE A 128 -8.54 -32.24 -7.96
CA ILE A 128 -7.23 -32.82 -7.65
C ILE A 128 -7.41 -34.32 -7.54
N GLU A 129 -6.43 -35.09 -8.02
CA GLU A 129 -6.53 -36.55 -7.98
C GLU A 129 -6.27 -37.12 -6.58
N SER A 130 -6.76 -38.32 -6.34
CA SER A 130 -6.53 -39.00 -5.05
C SER A 130 -5.05 -39.28 -4.84
N GLY A 131 -4.57 -39.01 -3.63
CA GLY A 131 -3.19 -39.27 -3.30
C GLY A 131 -2.28 -38.07 -3.49
N ALA A 132 -2.78 -37.06 -4.20
CA ALA A 132 -2.01 -35.82 -4.36
C ALA A 132 -2.06 -34.99 -3.08
N ILE A 133 -1.16 -34.03 -3.01
CA ILE A 133 -0.99 -33.20 -1.83
C ILE A 133 -1.54 -31.80 -2.06
N LEU A 134 -2.29 -31.30 -1.09
CA LEU A 134 -2.80 -29.94 -1.09
C LEU A 134 -2.33 -29.19 0.14
N VAL A 135 -1.62 -28.10 -0.08
CA VAL A 135 -1.16 -27.24 1.02
C VAL A 135 -2.09 -26.03 1.13
N ILE A 136 -2.85 -25.95 2.22
CA ILE A 136 -3.68 -24.78 2.49
C ILE A 136 -2.93 -23.85 3.43
N SER A 137 -2.57 -22.68 2.94
CA SER A 137 -1.69 -21.79 3.68
C SER A 137 -2.08 -20.33 3.54
N GLY A 138 -2.18 -19.65 4.67
CA GLY A 138 -2.34 -18.20 4.68
C GLY A 138 -3.55 -17.82 5.48
N SER A 139 -3.86 -16.53 5.53
CA SER A 139 -5.01 -16.05 6.29
C SER A 139 -6.35 -16.36 5.61
N LEU A 140 -7.43 -16.21 6.38
CA LEU A 140 -8.79 -16.35 5.87
C LEU A 140 -9.31 -14.96 5.49
N PRO A 141 -9.73 -14.78 4.22
CA PRO A 141 -10.22 -13.48 3.75
C PRO A 141 -11.63 -13.21 4.23
N PRO A 142 -12.04 -11.93 4.22
CA PRO A 142 -13.42 -11.53 4.54
C PRO A 142 -14.39 -12.31 3.66
N GLY A 143 -15.57 -12.63 4.18
CA GLY A 143 -16.61 -13.23 3.35
C GLY A 143 -16.71 -14.74 3.46
N VAL A 144 -15.78 -15.36 4.19
CA VAL A 144 -15.75 -16.81 4.31
C VAL A 144 -15.95 -17.25 5.78
N LYS A 145 -17.09 -17.86 6.09
CA LYS A 145 -17.31 -18.38 7.43
C LYS A 145 -16.36 -19.55 7.70
N LEU A 146 -15.90 -19.68 8.94
CA LEU A 146 -14.95 -20.73 9.30
C LEU A 146 -15.46 -22.15 8.98
N GLU A 147 -16.77 -22.33 9.02
CA GLU A 147 -17.36 -23.64 8.74
C GLU A 147 -17.20 -24.05 7.27
N LYS A 148 -16.96 -23.09 6.39
CA LYS A 148 -16.75 -23.39 4.98
C LYS A 148 -15.34 -23.94 4.74
N LEU A 149 -14.38 -23.42 5.49
CA LEU A 149 -13.02 -23.93 5.44
C LEU A 149 -12.95 -25.37 5.93
N THR A 150 -13.68 -25.65 7.00
CA THR A 150 -13.77 -27.01 7.55
C THR A 150 -14.38 -27.96 6.53
N GLN A 151 -15.41 -27.49 5.83
CA GLN A 151 -16.09 -28.32 4.85
C GLN A 151 -15.21 -28.64 3.65
N LEU A 152 -14.39 -27.68 3.25
CA LEU A 152 -13.54 -27.86 2.08
C LEU A 152 -12.48 -28.92 2.37
N ILE A 153 -11.85 -28.80 3.53
CA ILE A 153 -10.83 -29.75 3.93
C ILE A 153 -11.43 -31.14 4.13
N SER A 154 -12.61 -31.20 4.73
CA SER A 154 -13.28 -32.48 4.91
C SER A 154 -13.63 -33.12 3.57
N ALA A 155 -14.12 -32.32 2.63
CA ALA A 155 -14.49 -32.81 1.31
C ALA A 155 -13.25 -33.31 0.56
N ALA A 156 -12.16 -32.57 0.69
CA ALA A 156 -10.92 -32.91 0.01
C ALA A 156 -10.34 -34.23 0.51
N GLN A 157 -10.37 -34.43 1.83
CA GLN A 157 -9.86 -35.67 2.42
C GLN A 157 -10.72 -36.89 2.06
N LYS A 158 -12.02 -36.68 1.94
CA LYS A 158 -12.96 -37.75 1.57
C LYS A 158 -12.52 -38.53 0.33
N GLN A 159 -11.77 -37.88 -0.56
CA GLN A 159 -11.36 -38.51 -1.80
C GLN A 159 -9.84 -38.62 -1.95
N GLY A 160 -9.16 -38.76 -0.83
CA GLY A 160 -7.76 -39.17 -0.84
C GLY A 160 -6.75 -38.06 -1.03
N ILE A 161 -7.21 -36.82 -1.00
CA ILE A 161 -6.29 -35.69 -1.07
C ILE A 161 -5.61 -35.46 0.28
N ARG A 162 -4.29 -35.37 0.27
CA ARG A 162 -3.52 -35.28 1.49
C ARG A 162 -3.31 -33.81 1.83
N CYS A 163 -3.88 -33.37 2.95
CA CYS A 163 -3.90 -31.95 3.27
C CYS A 163 -2.82 -31.52 4.28
N ILE A 164 -2.13 -30.44 3.94
CA ILE A 164 -1.13 -29.83 4.80
C ILE A 164 -1.64 -28.42 5.10
N VAL A 165 -1.59 -28.04 6.37
CA VAL A 165 -2.18 -26.77 6.78
C VAL A 165 -1.15 -25.85 7.46
N ASP A 166 -1.12 -24.60 7.04
CA ASP A 166 -0.33 -23.58 7.73
C ASP A 166 -1.18 -22.31 7.81
N SER A 167 -1.69 -21.99 9.00
CA SER A 167 -2.54 -20.82 9.15
C SER A 167 -2.48 -20.33 10.58
N SER A 168 -3.46 -19.53 10.98
CA SER A 168 -3.45 -19.00 12.33
C SER A 168 -4.85 -18.70 12.82
N GLY A 169 -4.96 -18.35 14.10
CA GLY A 169 -6.23 -17.99 14.70
C GLY A 169 -7.29 -19.04 14.54
N GLU A 170 -8.53 -18.61 14.40
CA GLU A 170 -9.67 -19.49 14.29
C GLU A 170 -9.65 -20.34 13.02
N ALA A 171 -9.02 -19.83 11.97
CA ALA A 171 -8.88 -20.58 10.72
C ALA A 171 -8.07 -21.86 10.92
N LEU A 172 -7.05 -21.80 11.77
CA LEU A 172 -6.24 -22.97 12.07
C LEU A 172 -7.02 -24.00 12.89
N SER A 173 -7.73 -23.53 13.91
CA SER A 173 -8.59 -24.41 14.70
C SER A 173 -9.65 -25.07 13.82
N ALA A 174 -10.23 -24.28 12.93
CA ALA A 174 -11.28 -24.77 12.04
C ALA A 174 -10.73 -25.81 11.08
N ALA A 175 -9.51 -25.58 10.61
CA ALA A 175 -8.88 -26.46 9.64
C ALA A 175 -8.49 -27.79 10.27
N LEU A 176 -8.33 -27.80 11.59
CA LEU A 176 -7.90 -29.01 12.32
C LEU A 176 -9.06 -29.73 13.01
N ALA A 177 -10.25 -29.14 12.97
CA ALA A 177 -11.39 -29.73 13.67
C ALA A 177 -11.80 -31.04 13.00
N ILE A 178 -11.54 -31.13 11.71
CA ILE A 178 -11.84 -32.32 10.91
C ILE A 178 -11.03 -33.51 11.39
N GLY A 179 -9.76 -33.27 11.68
CA GLY A 179 -8.83 -34.33 12.04
C GLY A 179 -8.17 -34.95 10.83
N ASN A 180 -7.17 -35.79 11.11
CA ASN A 180 -6.44 -36.54 10.08
C ASN A 180 -5.70 -35.67 9.07
N ILE A 181 -5.35 -34.46 9.49
CA ILE A 181 -4.51 -33.60 8.67
C ILE A 181 -3.15 -34.28 8.57
N GLU A 182 -2.57 -34.31 7.37
CA GLU A 182 -1.27 -34.96 7.18
C GLU A 182 -0.15 -34.23 7.92
N LEU A 183 -0.20 -32.91 7.89
CA LEU A 183 0.86 -32.09 8.49
C LEU A 183 0.33 -30.70 8.79
N VAL A 184 0.62 -30.21 10.01
CA VAL A 184 0.37 -28.81 10.34
C VAL A 184 1.67 -28.15 10.83
N LYS A 185 1.94 -26.91 10.41
CA LYS A 185 3.14 -26.20 10.86
C LYS A 185 2.80 -24.90 11.58
N PRO A 186 2.41 -25.00 12.86
CA PRO A 186 2.24 -23.76 13.61
C PRO A 186 3.61 -23.25 14.04
N ASN A 187 3.79 -21.94 14.11
CA ASN A 187 4.93 -21.42 14.88
C ASN A 187 4.53 -21.41 16.37
N GLN A 188 5.37 -20.85 17.22
CA GLN A 188 5.11 -20.93 18.66
C GLN A 188 3.86 -20.17 19.07
N LYS A 189 3.69 -18.96 18.54
CA LYS A 189 2.52 -18.13 18.80
C LYS A 189 1.24 -18.84 18.34
N GLU A 190 1.30 -19.42 17.15
CA GLU A 190 0.14 -20.10 16.58
C GLU A 190 -0.22 -21.34 17.40
N LEU A 191 0.79 -22.06 17.89
CA LEU A 191 0.54 -23.24 18.71
C LEU A 191 -0.12 -22.85 20.04
N SER A 192 0.39 -21.81 20.67
CA SER A 192 -0.20 -21.30 21.92
C SER A 192 -1.68 -20.93 21.76
N ALA A 193 -2.02 -20.34 20.62
CA ALA A 193 -3.40 -19.94 20.37
C ALA A 193 -4.26 -21.17 20.09
N LEU A 194 -3.69 -22.11 19.34
CA LEU A 194 -4.38 -23.34 18.97
C LEU A 194 -4.79 -24.20 20.17
N VAL A 195 -3.92 -24.32 21.17
CA VAL A 195 -4.23 -25.12 22.36
C VAL A 195 -4.78 -24.23 23.47
N ASN A 196 -4.84 -22.93 23.18
CA ASN A 196 -5.38 -21.93 24.08
C ASN A 196 -4.76 -21.88 25.47
N ARG A 197 -3.43 -21.91 25.53
CA ARG A 197 -2.72 -21.63 26.77
C ARG A 197 -1.34 -21.06 26.49
N GLU A 198 -0.83 -20.24 27.39
CA GLU A 198 0.54 -19.75 27.29
C GLU A 198 1.48 -20.93 27.48
N LEU A 199 2.54 -21.00 26.66
CA LEU A 199 3.48 -22.11 26.75
C LEU A 199 4.77 -21.61 27.41
N THR A 200 4.77 -21.60 28.74
CA THR A 200 5.83 -20.95 29.50
C THR A 200 6.85 -21.91 30.11
N GLN A 201 6.56 -23.20 30.10
CA GLN A 201 7.46 -24.19 30.70
C GLN A 201 8.27 -24.86 29.60
N PRO A 202 9.49 -25.34 29.95
CA PRO A 202 10.39 -25.88 28.92
C PRO A 202 9.77 -26.96 28.03
N ASP A 203 8.98 -27.87 28.61
CA ASP A 203 8.36 -28.97 27.85
C ASP A 203 6.96 -28.66 27.26
N ASP A 204 6.51 -27.41 27.39
CA ASP A 204 5.13 -27.08 26.99
C ASP A 204 4.88 -27.25 25.51
N VAL A 205 5.81 -26.79 24.68
CA VAL A 205 5.68 -26.91 23.23
C VAL A 205 5.58 -28.36 22.80
N ARG A 206 6.48 -29.21 23.31
CA ARG A 206 6.45 -30.63 22.93
C ARG A 206 5.14 -31.29 23.35
N LYS A 207 4.72 -31.05 24.58
CA LYS A 207 3.49 -31.65 25.08
C LYS A 207 2.26 -31.20 24.28
N ALA A 208 2.22 -29.93 23.91
CA ALA A 208 1.13 -29.40 23.09
C ALA A 208 1.07 -30.05 21.71
N ALA A 209 2.23 -30.15 21.07
CA ALA A 209 2.31 -30.82 19.78
C ALA A 209 1.85 -32.28 19.88
N GLN A 210 2.33 -32.99 20.90
CA GLN A 210 1.93 -34.39 21.12
C GLN A 210 0.44 -34.54 21.34
N GLU A 211 -0.15 -33.59 22.07
CA GLU A 211 -1.59 -33.59 22.34
C GLU A 211 -2.38 -33.52 21.02
N ILE A 212 -1.87 -32.77 20.05
CA ILE A 212 -2.55 -32.67 18.75
C ILE A 212 -2.46 -33.99 17.98
N VAL A 213 -1.28 -34.60 17.98
CA VAL A 213 -1.09 -35.89 17.33
C VAL A 213 -1.95 -36.95 18.01
N ASN A 214 -1.83 -37.05 19.33
CA ASN A 214 -2.56 -38.03 20.10
C ASN A 214 -4.10 -37.91 20.00
N SER A 215 -4.60 -36.70 19.85
CA SER A 215 -6.05 -36.51 19.71
C SER A 215 -6.56 -36.90 18.32
N GLY A 216 -5.64 -37.08 17.37
CA GLY A 216 -5.98 -37.46 16.01
C GLY A 216 -6.18 -36.29 15.06
N LYS A 217 -5.92 -35.08 15.55
CA LYS A 217 -6.17 -33.89 14.75
C LYS A 217 -5.20 -33.81 13.57
N ALA A 218 -3.97 -34.25 13.79
CA ALA A 218 -2.94 -34.19 12.75
C ALA A 218 -2.04 -35.39 12.89
N LYS A 219 -1.56 -35.92 11.76
CA LYS A 219 -0.64 -37.06 11.80
C LYS A 219 0.76 -36.58 12.18
N ARG A 220 1.12 -35.40 11.69
CA ARG A 220 2.41 -34.81 12.00
C ARG A 220 2.22 -33.36 12.40
N VAL A 221 2.93 -32.94 13.43
CA VAL A 221 2.92 -31.54 13.83
C VAL A 221 4.38 -31.10 13.85
N VAL A 222 4.68 -30.06 13.09
CA VAL A 222 6.03 -29.49 13.14
C VAL A 222 5.92 -28.11 13.72
N VAL A 223 6.40 -27.92 14.94
CA VAL A 223 6.33 -26.59 15.52
C VAL A 223 7.60 -25.85 15.15
N SER A 224 7.47 -24.77 14.40
CA SER A 224 8.67 -24.06 13.98
C SER A 224 9.00 -23.00 15.02
N LEU A 225 10.29 -22.86 15.29
CA LEU A 225 10.77 -22.10 16.43
C LEU A 225 11.73 -20.98 16.04
N GLY A 226 11.58 -20.40 14.85
CA GLY A 226 12.43 -19.30 14.43
C GLY A 226 13.90 -19.73 14.42
N PRO A 227 14.79 -18.98 15.08
CA PRO A 227 16.22 -19.34 15.05
C PRO A 227 16.53 -20.66 15.76
N GLN A 228 15.58 -21.15 16.54
CA GLN A 228 15.79 -22.42 17.23
C GLN A 228 15.46 -23.65 16.38
N GLY A 229 15.02 -23.41 15.14
CA GLY A 229 14.72 -24.50 14.24
C GLY A 229 13.28 -24.97 14.33
N ALA A 230 13.10 -26.26 14.59
CA ALA A 230 11.76 -26.81 14.63
C ALA A 230 11.71 -28.07 15.47
N LEU A 231 10.53 -28.37 16.00
CA LEU A 231 10.32 -29.62 16.70
C LEU A 231 9.25 -30.39 15.93
N GLY A 232 9.58 -31.60 15.50
CA GLY A 232 8.66 -32.43 14.73
C GLY A 232 8.12 -33.58 15.56
N VAL A 233 6.80 -33.80 15.48
CA VAL A 233 6.19 -34.86 16.29
C VAL A 233 5.29 -35.76 15.46
N ASP A 234 5.44 -37.07 15.70
CA ASP A 234 4.65 -38.15 15.10
C ASP A 234 3.97 -38.93 16.21
N SER A 235 3.22 -39.95 15.84
CA SER A 235 2.74 -40.91 16.83
C SER A 235 3.91 -41.73 17.37
N GLU A 236 4.99 -41.80 16.58
CA GLU A 236 6.13 -42.67 16.88
C GLU A 236 7.35 -41.86 17.35
N ASN A 237 7.52 -40.67 16.80
CA ASN A 237 8.77 -39.94 16.97
C ASN A 237 8.62 -38.48 17.37
N CYS A 238 9.69 -37.96 17.94
CA CYS A 238 9.77 -36.57 18.38
C CYS A 238 11.20 -36.13 18.19
N ILE A 239 11.41 -35.08 17.41
CA ILE A 239 12.77 -34.62 17.14
C ILE A 239 12.88 -33.11 17.05
N GLN A 240 13.99 -32.55 17.54
CA GLN A 240 14.23 -31.13 17.32
C GLN A 240 15.44 -30.99 16.41
N VAL A 241 15.33 -30.07 15.48
CA VAL A 241 16.41 -29.80 14.54
C VAL A 241 16.72 -28.33 14.68
N VAL A 242 17.98 -28.01 14.97
CA VAL A 242 18.39 -26.62 15.11
CA VAL A 242 18.36 -26.61 15.09
C VAL A 242 19.25 -26.23 13.91
N PRO A 243 19.06 -25.03 13.36
CA PRO A 243 19.88 -24.67 12.21
C PRO A 243 21.30 -24.35 12.63
N PRO A 244 22.23 -24.33 11.68
CA PRO A 244 23.60 -23.94 11.96
C PRO A 244 23.68 -22.49 12.41
N PRO A 245 24.77 -22.11 13.11
CA PRO A 245 24.93 -20.76 13.65
C PRO A 245 25.45 -19.78 12.61
N VAL A 246 24.55 -19.35 11.73
CA VAL A 246 24.87 -18.38 10.68
C VAL A 246 23.88 -17.24 10.82
N LYS A 247 24.35 -16.04 10.52
CA LYS A 247 23.57 -14.81 10.70
C LYS A 247 22.37 -14.71 9.75
N SER A 248 21.21 -14.40 10.32
CA SER A 248 20.03 -14.16 9.51
C SER A 248 20.11 -12.75 8.96
N GLN A 249 20.10 -12.64 7.64
CA GLN A 249 19.96 -11.36 6.95
C GLN A 249 18.55 -10.77 7.02
N SER A 250 17.57 -11.58 6.62
CA SER A 250 16.15 -11.21 6.69
C SER A 250 15.26 -12.45 6.86
N THR A 251 14.29 -12.38 7.76
CA THR A 251 13.41 -13.53 8.01
C THR A 251 12.19 -13.71 7.11
N VAL A 252 11.94 -12.76 6.21
CA VAL A 252 10.78 -12.84 5.36
C VAL A 252 10.85 -14.10 4.50
N GLY A 253 9.74 -14.82 4.44
CA GLY A 253 9.65 -16.03 3.64
C GLY A 253 10.17 -17.30 4.29
N ALA A 254 10.59 -17.23 5.54
CA ALA A 254 11.12 -18.41 6.22
C ALA A 254 10.08 -19.52 6.36
N GLY A 255 8.90 -19.16 6.82
CA GLY A 255 7.85 -20.16 7.06
C GLY A 255 7.41 -20.85 5.77
N ASP A 256 7.14 -20.07 4.73
CA ASP A 256 6.69 -20.62 3.46
C ASP A 256 7.76 -21.48 2.78
N SER A 257 9.02 -21.09 2.93
CA SER A 257 10.15 -21.90 2.42
C SER A 257 10.22 -23.24 3.14
N MET A 258 10.10 -23.19 4.46
CA MET A 258 10.08 -24.41 5.27
C MET A 258 8.93 -25.33 4.87
N VAL A 259 7.72 -24.77 4.69
CA VAL A 259 6.56 -25.58 4.31
C VAL A 259 6.71 -26.20 2.93
N GLY A 260 7.24 -25.42 1.97
CA GLY A 260 7.49 -25.94 0.64
C GLY A 260 8.41 -27.15 0.69
N ALA A 261 9.47 -27.04 1.50
CA ALA A 261 10.45 -28.11 1.64
C ALA A 261 9.86 -29.35 2.27
N MET A 262 9.10 -29.15 3.33
CA MET A 262 8.51 -30.30 4.01
C MET A 262 7.46 -30.99 3.15
N THR A 263 6.76 -30.20 2.36
CA THR A 263 5.78 -30.72 1.40
C THR A 263 6.44 -31.63 0.37
N LEU A 264 7.61 -31.23 -0.14
CA LEU A 264 8.35 -32.04 -1.11
C LEU A 264 8.81 -33.35 -0.49
N LYS A 265 9.24 -33.27 0.77
CA LYS A 265 9.66 -34.47 1.49
C LYS A 265 8.47 -35.39 1.73
N LEU A 266 7.33 -34.81 2.07
CA LEU A 266 6.12 -35.61 2.27
C LEU A 266 5.75 -36.34 0.98
N ALA A 267 5.85 -35.64 -0.15
CA ALA A 267 5.56 -36.26 -1.44
C ALA A 267 6.47 -37.44 -1.74
N GLU A 268 7.68 -37.41 -1.18
CA GLU A 268 8.67 -38.46 -1.41
C GLU A 268 8.55 -39.55 -0.35
N ASN A 269 7.55 -39.40 0.52
CA ASN A 269 7.33 -40.36 1.61
C ASN A 269 8.54 -40.44 2.56
N ALA A 270 9.18 -39.29 2.80
CA ALA A 270 10.37 -39.26 3.64
C ALA A 270 10.06 -39.50 5.12
N SER A 271 11.11 -39.82 5.88
CA SER A 271 10.99 -39.98 7.33
C SER A 271 10.71 -38.62 7.97
N LEU A 272 10.22 -38.65 9.20
CA LEU A 272 9.96 -37.41 9.94
C LEU A 272 11.27 -36.62 10.08
N GLU A 273 12.34 -37.32 10.42
CA GLU A 273 13.65 -36.67 10.56
C GLU A 273 14.09 -35.96 9.28
N GLU A 274 14.00 -36.64 8.15
CA GLU A 274 14.44 -36.07 6.89
C GLU A 274 13.55 -34.88 6.51
N MET A 275 12.26 -35.01 6.76
CA MET A 275 11.29 -33.96 6.48
C MET A 275 11.59 -32.69 7.29
N VAL A 276 11.81 -32.83 8.59
CA VAL A 276 12.07 -31.66 9.43
C VAL A 276 13.43 -31.07 9.13
N ARG A 277 14.41 -31.93 8.89
CA ARG A 277 15.72 -31.42 8.52
C ARG A 277 15.68 -30.57 7.25
N PHE A 278 14.99 -31.05 6.23
CA PHE A 278 14.89 -30.32 4.97
C PHE A 278 14.10 -29.03 5.18
N GLY A 279 13.08 -29.11 6.04
CA GLY A 279 12.31 -27.94 6.39
C GLY A 279 13.13 -26.83 7.05
N VAL A 280 13.92 -27.18 8.05
CA VAL A 280 14.79 -26.21 8.72
C VAL A 280 15.85 -25.71 7.74
N ALA A 281 16.38 -26.62 6.92
CA ALA A 281 17.37 -26.20 5.91
C ALA A 281 16.82 -25.12 4.97
N ALA A 282 15.63 -25.35 4.44
CA ALA A 282 14.96 -24.39 3.56
C ALA A 282 14.54 -23.10 4.25
N GLY A 283 13.98 -23.21 5.45
CA GLY A 283 13.61 -22.03 6.22
C GLY A 283 14.81 -21.16 6.54
N SER A 284 15.89 -21.77 7.01
CA SER A 284 17.07 -21.01 7.38
C SER A 284 17.83 -20.50 6.16
N ALA A 285 17.79 -21.25 5.06
CA ALA A 285 18.37 -20.77 3.81
C ALA A 285 17.65 -19.51 3.36
N ALA A 286 16.34 -19.45 3.60
CA ALA A 286 15.57 -18.28 3.19
C ALA A 286 16.09 -17.03 3.90
N THR A 287 16.43 -17.18 5.17
CA THR A 287 16.90 -16.07 5.99
C THR A 287 18.21 -15.48 5.49
N LEU A 288 18.98 -16.26 4.74
CA LEU A 288 20.30 -15.81 4.30
C LEU A 288 20.24 -14.69 3.27
N ASN A 289 19.07 -14.53 2.64
CA ASN A 289 18.86 -13.52 1.62
C ASN A 289 18.16 -12.26 2.11
N GLN A 290 18.52 -11.15 1.50
CA GLN A 290 17.94 -9.85 1.81
C GLN A 290 16.49 -9.78 1.35
N GLY A 291 15.72 -8.95 2.03
CA GLY A 291 14.33 -8.71 1.68
C GLY A 291 13.43 -9.93 1.66
N THR A 292 12.66 -10.05 0.58
CA THR A 292 11.65 -11.10 0.44
C THR A 292 12.08 -12.37 -0.28
N ARG A 293 13.32 -12.44 -0.73
CA ARG A 293 13.77 -13.60 -1.49
C ARG A 293 13.61 -14.89 -0.70
N LEU A 294 13.04 -15.89 -1.38
CA LEU A 294 12.81 -17.21 -0.83
C LEU A 294 14.06 -18.07 -0.86
N CYS A 295 14.00 -19.21 -0.20
CA CYS A 295 15.15 -20.12 -0.15
C CYS A 295 15.68 -20.43 -1.55
N SER A 296 17.00 -20.58 -1.67
CA SER A 296 17.59 -21.03 -2.92
C SER A 296 17.95 -22.51 -2.80
N HIS A 297 18.02 -23.20 -3.93
CA HIS A 297 18.36 -24.63 -3.91
C HIS A 297 19.72 -24.93 -3.28
N ASP A 298 20.75 -24.20 -3.69
CA ASP A 298 22.10 -24.48 -3.22
C ASP A 298 22.30 -24.22 -1.73
N ASP A 299 21.70 -23.14 -1.23
CA ASP A 299 21.83 -22.80 0.20
C ASP A 299 21.11 -23.86 1.03
N THR A 300 19.94 -24.29 0.55
CA THR A 300 19.15 -25.30 1.24
C THR A 300 19.94 -26.60 1.27
N GLN A 301 20.53 -26.98 0.13
CA GLN A 301 21.33 -28.21 0.07
C GLN A 301 22.49 -28.18 1.06
N LYS A 302 23.18 -27.03 1.13
CA LYS A 302 24.36 -26.90 1.99
C LYS A 302 23.99 -27.08 3.48
N ILE A 303 22.90 -26.45 3.89
CA ILE A 303 22.44 -26.58 5.27
C ILE A 303 21.97 -28.00 5.57
N TYR A 304 21.22 -28.58 4.63
CA TYR A 304 20.75 -29.95 4.80
C TYR A 304 21.88 -30.96 4.94
N ALA A 305 22.93 -30.82 4.11
CA ALA A 305 24.11 -31.69 4.23
C ALA A 305 24.76 -31.56 5.59
N TYR A 306 24.86 -30.33 6.10
CA TYR A 306 25.37 -30.09 7.45
C TYR A 306 24.49 -30.77 8.50
N LEU A 307 23.18 -30.52 8.45
CA LEU A 307 22.25 -31.15 9.38
C LEU A 307 22.29 -32.68 9.29
N SER A 308 22.68 -33.20 8.13
CA SER A 308 22.68 -34.62 7.88
C SER A 308 24.02 -35.30 8.13
N ARG A 309 25.03 -34.50 8.46
CA ARG A 309 26.40 -35.02 8.58
C ARG A 309 26.52 -36.06 9.70
N MET B 1 -20.27 33.72 -10.25
CA MET B 1 -18.89 33.31 -10.01
C MET B 1 -18.40 32.35 -11.10
N VAL B 2 -17.13 32.45 -11.45
CA VAL B 2 -16.55 31.64 -12.51
C VAL B 2 -16.47 30.16 -12.13
N ARG B 3 -16.55 29.27 -13.11
CA ARG B 3 -16.40 27.85 -12.84
C ARG B 3 -14.95 27.48 -12.51
N ILE B 4 -14.78 26.41 -11.74
CA ILE B 4 -13.49 25.99 -11.26
C ILE B 4 -13.26 24.53 -11.61
N TYR B 5 -12.10 24.23 -12.15
CA TYR B 5 -11.75 22.86 -12.48
C TYR B 5 -10.41 22.58 -11.85
N THR B 6 -10.12 21.30 -11.59
CA THR B 6 -8.79 20.92 -11.13
C THR B 6 -8.25 19.84 -12.04
N LEU B 7 -6.93 19.75 -12.11
CA LEU B 7 -6.30 18.71 -12.92
C LEU B 7 -5.30 17.93 -12.07
N THR B 8 -5.45 16.60 -12.07
CA THR B 8 -4.57 15.72 -11.32
C THR B 8 -4.05 14.63 -12.25
N LEU B 9 -2.82 14.76 -12.72
CA LEU B 9 -2.25 13.79 -13.64
C LEU B 9 -1.80 12.52 -12.91
N ALA B 10 -1.61 12.63 -11.60
CA ALA B 10 -1.22 11.47 -10.78
C ALA B 10 -2.12 11.29 -9.56
N PRO B 11 -3.37 10.82 -9.79
CA PRO B 11 -4.30 10.59 -8.68
C PRO B 11 -3.96 9.29 -7.99
N SER B 12 -4.62 9.00 -6.88
CA SER B 12 -4.42 7.72 -6.24
C SER B 12 -5.65 7.31 -5.47
N LEU B 13 -5.75 6.01 -5.21
CA LEU B 13 -6.74 5.50 -4.29
C LEU B 13 -5.95 5.17 -3.04
N ASP B 14 -6.05 6.03 -2.03
CA ASP B 14 -5.25 5.87 -0.83
C ASP B 14 -5.90 4.90 0.17
N SER B 15 -5.06 4.12 0.84
CA SER B 15 -5.53 3.25 1.93
C SER B 15 -5.14 3.82 3.28
N ALA B 16 -6.12 3.89 4.18
CA ALA B 16 -5.85 4.30 5.56
C ALA B 16 -6.07 3.10 6.47
N THR B 17 -5.04 2.72 7.20
CA THR B 17 -5.11 1.53 8.04
C THR B 17 -4.58 1.81 9.44
N ILE B 18 -4.85 0.89 10.36
CA ILE B 18 -4.45 1.03 11.75
C ILE B 18 -3.69 -0.21 12.18
N THR B 19 -2.64 -0.02 12.97
CA THR B 19 -1.89 -1.13 13.53
C THR B 19 -1.46 -0.75 14.94
N PRO B 20 -1.29 -1.74 15.83
CA PRO B 20 -1.08 -1.33 17.23
C PRO B 20 0.32 -0.78 17.54
N GLN B 21 1.34 -1.20 16.81
CA GLN B 21 2.72 -0.78 17.09
C GLN B 21 3.46 -0.71 15.78
N ILE B 22 4.59 -0.01 15.77
CA ILE B 22 5.44 -0.02 14.59
C ILE B 22 6.86 -0.41 14.98
N TYR B 23 7.42 -1.32 14.19
CA TYR B 23 8.77 -1.84 14.42
C TYR B 23 9.17 -2.59 13.15
N PRO B 24 10.48 -2.74 12.91
CA PRO B 24 10.87 -3.39 11.66
C PRO B 24 10.89 -4.90 11.75
N GLU B 25 11.11 -5.51 10.59
CA GLU B 25 11.35 -6.95 10.43
C GLU B 25 10.10 -7.86 10.48
N GLY B 26 9.28 -7.69 11.50
CA GLY B 26 8.12 -8.55 11.67
C GLY B 26 6.93 -8.11 10.84
N LYS B 27 5.91 -8.96 10.77
CA LYS B 27 4.70 -8.57 10.04
C LYS B 27 3.89 -7.64 10.93
N LEU B 28 3.57 -6.45 10.44
CA LEU B 28 2.66 -5.57 11.17
C LEU B 28 1.25 -5.81 10.66
N ARG B 29 0.39 -6.40 11.50
CA ARG B 29 -0.98 -6.70 11.08
C ARG B 29 -1.82 -5.42 11.12
N CYS B 30 -2.36 -5.08 9.94
CA CYS B 30 -3.08 -3.84 9.76
C CYS B 30 -4.58 -4.10 9.50
N THR B 31 -5.41 -3.22 10.03
CA THR B 31 -6.86 -3.34 9.87
C THR B 31 -7.25 -3.18 8.41
N ALA B 32 -8.41 -3.73 8.04
CA ALA B 32 -8.98 -3.53 6.72
C ALA B 32 -8.99 -2.03 6.40
N PRO B 33 -8.37 -1.66 5.27
CA PRO B 33 -8.21 -0.22 5.01
C PRO B 33 -9.50 0.50 4.64
N VAL B 34 -9.52 1.79 4.97
CA VAL B 34 -10.55 2.71 4.50
C VAL B 34 -9.98 3.43 3.28
N PHE B 35 -10.69 3.38 2.16
CA PHE B 35 -10.17 3.98 0.94
C PHE B 35 -10.60 5.44 0.84
N GLU B 36 -9.70 6.32 0.38
CA GLU B 36 -10.00 7.74 0.26
C GLU B 36 -9.38 8.30 -1.03
N PRO B 37 -10.02 9.30 -1.64
CA PRO B 37 -9.45 9.90 -2.86
C PRO B 37 -8.13 10.57 -2.55
N GLY B 38 -7.19 10.49 -3.48
CA GLY B 38 -5.88 11.08 -3.28
C GLY B 38 -5.40 11.78 -4.53
N GLY B 39 -4.48 12.71 -4.35
CA GLY B 39 -3.96 13.47 -5.47
C GLY B 39 -4.22 14.94 -5.22
N GLY B 40 -3.34 15.79 -5.74
CA GLY B 40 -3.37 17.21 -5.45
C GLY B 40 -4.67 17.85 -5.87
N GLY B 41 -4.96 17.80 -7.17
CA GLY B 41 -6.13 18.47 -7.70
C GLY B 41 -7.43 17.85 -7.18
N ILE B 42 -7.42 16.55 -6.93
CA ILE B 42 -8.59 15.89 -6.38
C ILE B 42 -8.89 16.40 -4.98
N ASN B 43 -7.86 16.50 -4.16
CA ASN B 43 -8.07 17.02 -2.81
C ASN B 43 -8.40 18.51 -2.78
N VAL B 44 -7.89 19.27 -3.74
CA VAL B 44 -8.29 20.67 -3.87
C VAL B 44 -9.77 20.76 -4.16
N ALA B 45 -10.26 19.91 -5.06
CA ALA B 45 -11.70 19.89 -5.37
C ALA B 45 -12.54 19.46 -4.17
N ARG B 46 -12.03 18.53 -3.37
CA ARG B 46 -12.74 18.09 -2.17
C ARG B 46 -12.80 19.21 -1.13
N ALA B 47 -11.70 19.93 -0.98
CA ALA B 47 -11.64 21.03 -0.03
C ALA B 47 -12.63 22.12 -0.43
N ILE B 48 -12.70 22.39 -1.74
CA ILE B 48 -13.63 23.39 -2.25
C ILE B 48 -15.08 23.01 -1.94
N ALA B 49 -15.41 21.73 -2.07
CA ALA B 49 -16.75 21.26 -1.70
C ALA B 49 -17.03 21.50 -0.23
N HIS B 50 -16.05 21.21 0.62
CA HIS B 50 -16.20 21.44 2.07
C HIS B 50 -16.46 22.91 2.39
N LEU B 51 -15.87 23.80 1.60
CA LEU B 51 -16.00 25.23 1.86
C LEU B 51 -17.24 25.81 1.21
N GLY B 52 -17.98 24.96 0.52
CA GLY B 52 -19.29 25.34 0.01
C GLY B 52 -19.32 25.68 -1.46
N GLY B 53 -18.19 25.55 -2.15
CA GLY B 53 -18.15 25.78 -3.58
C GLY B 53 -18.22 24.49 -4.37
N SER B 54 -17.90 24.59 -5.65
CA SER B 54 -17.96 23.45 -6.56
C SER B 54 -16.80 23.52 -7.53
N ALA B 55 -16.11 22.40 -7.70
CA ALA B 55 -14.99 22.32 -8.64
C ALA B 55 -15.00 20.93 -9.24
N THR B 56 -14.82 20.87 -10.55
CA THR B 56 -14.81 19.61 -11.27
C THR B 56 -13.38 19.06 -11.34
N ALA B 57 -13.19 17.84 -10.86
CA ALA B 57 -11.86 17.23 -10.91
C ALA B 57 -11.67 16.48 -12.22
N ILE B 58 -10.67 16.90 -13.00
CA ILE B 58 -10.24 16.16 -14.20
C ILE B 58 -9.05 15.27 -13.85
N PHE B 59 -9.11 14.00 -14.25
CA PHE B 59 -8.04 13.05 -13.92
C PHE B 59 -8.17 11.71 -14.65
N PRO B 60 -7.05 11.01 -14.86
CA PRO B 60 -7.08 9.66 -15.44
C PRO B 60 -7.46 8.62 -14.37
N ALA B 61 -8.27 7.63 -14.74
CA ALA B 61 -8.66 6.56 -13.83
C ALA B 61 -8.49 5.21 -14.50
N GLY B 62 -7.90 4.26 -13.79
CA GLY B 62 -7.66 2.93 -14.37
C GLY B 62 -7.99 1.78 -13.45
N GLY B 63 -8.64 0.76 -14.01
CA GLY B 63 -8.93 -0.46 -13.27
C GLY B 63 -9.94 -0.30 -12.15
N ALA B 64 -10.08 -1.36 -11.35
CA ALA B 64 -11.03 -1.37 -10.24
C ALA B 64 -10.73 -0.28 -9.21
N THR B 65 -9.45 0.02 -9.03
CA THR B 65 -9.07 1.05 -8.07
C THR B 65 -9.53 2.42 -8.59
N GLY B 66 -9.42 2.61 -9.90
CA GLY B 66 -9.88 3.84 -10.51
C GLY B 66 -11.39 4.02 -10.41
N GLU B 67 -12.12 2.92 -10.57
CA GLU B 67 -13.57 2.95 -10.48
C GLU B 67 -13.97 3.31 -9.05
N HIS B 68 -13.25 2.78 -8.07
CA HIS B 68 -13.58 3.06 -6.68
C HIS B 68 -13.26 4.51 -6.31
N LEU B 69 -12.19 5.05 -6.88
CA LEU B 69 -11.86 6.46 -6.70
C LEU B 69 -12.99 7.35 -7.22
N VAL B 70 -13.50 7.03 -8.41
CA VAL B 70 -14.57 7.81 -8.98
C VAL B 70 -15.83 7.67 -8.13
N SER B 71 -16.03 6.45 -7.61
CA SER B 71 -17.19 6.14 -6.77
C SER B 71 -17.19 6.95 -5.49
N LEU B 72 -16.02 7.07 -4.88
CA LEU B 72 -15.87 7.83 -3.64
C LEU B 72 -16.20 9.29 -3.87
N LEU B 73 -15.73 9.83 -4.99
CA LEU B 73 -15.96 11.23 -5.28
C LEU B 73 -17.44 11.51 -5.52
N ALA B 74 -18.12 10.58 -6.17
CA ALA B 74 -19.57 10.70 -6.38
C ALA B 74 -20.33 10.76 -5.04
N ASP B 75 -19.92 9.93 -4.08
CA ASP B 75 -20.53 9.93 -2.75
C ASP B 75 -20.26 11.24 -2.00
N GLU B 76 -19.18 11.93 -2.37
CA GLU B 76 -18.83 13.22 -1.78
C GLU B 76 -19.44 14.38 -2.56
N ASN B 77 -20.18 14.05 -3.61
CA ASN B 77 -20.78 15.04 -4.51
C ASN B 77 -19.75 15.97 -5.15
N VAL B 78 -18.57 15.41 -5.42
CA VAL B 78 -17.54 16.14 -6.16
C VAL B 78 -17.65 15.77 -7.63
N PRO B 79 -18.05 16.74 -8.48
CA PRO B 79 -18.17 16.44 -9.91
C PRO B 79 -16.82 16.10 -10.52
N VAL B 80 -16.81 15.16 -11.48
CA VAL B 80 -15.57 14.71 -12.11
C VAL B 80 -15.67 14.68 -13.63
N ALA B 81 -14.51 14.66 -14.27
CA ALA B 81 -14.41 14.43 -15.71
C ALA B 81 -13.19 13.54 -15.89
N THR B 82 -13.41 12.28 -16.22
CA THR B 82 -12.31 11.32 -16.19
C THR B 82 -11.92 10.79 -17.57
N VAL B 83 -10.67 10.35 -17.65
CA VAL B 83 -10.16 9.67 -18.84
C VAL B 83 -9.76 8.26 -18.43
N GLU B 84 -10.28 7.26 -19.14
CA GLU B 84 -9.92 5.88 -18.83
C GLU B 84 -8.48 5.60 -19.25
N ALA B 85 -7.67 5.17 -18.29
CA ALA B 85 -6.26 4.89 -18.53
C ALA B 85 -6.02 3.39 -18.47
N LYS B 86 -5.02 2.93 -19.20
CA LYS B 86 -4.66 1.52 -19.19
C LYS B 86 -4.07 1.07 -17.85
N ASP B 87 -3.07 1.81 -17.37
CA ASP B 87 -2.41 1.47 -16.12
C ASP B 87 -3.35 1.71 -14.94
N TRP B 88 -3.38 0.80 -13.98
CA TRP B 88 -4.35 0.93 -12.91
C TRP B 88 -3.98 2.03 -11.91
N THR B 89 -4.99 2.71 -11.39
CA THR B 89 -4.82 3.78 -10.41
C THR B 89 -4.06 3.26 -9.17
N ARG B 90 -2.93 3.90 -8.85
CA ARG B 90 -2.04 3.38 -7.81
C ARG B 90 -2.54 3.75 -6.42
N GLN B 91 -1.92 3.18 -5.40
CA GLN B 91 -2.35 3.35 -4.02
C GLN B 91 -1.21 3.80 -3.13
N ASN B 92 -1.44 4.87 -2.36
CA ASN B 92 -0.56 5.23 -1.28
C ASN B 92 -1.13 4.71 0.04
N LEU B 93 -0.28 4.65 1.07
CA LEU B 93 -0.66 4.05 2.35
C LEU B 93 -0.49 5.03 3.50
N HIS B 94 -1.55 5.18 4.30
CA HIS B 94 -1.53 5.96 5.52
C HIS B 94 -1.71 4.99 6.69
N VAL B 95 -0.70 4.91 7.56
CA VAL B 95 -0.75 3.98 8.69
C VAL B 95 -0.85 4.75 9.99
N HIS B 96 -1.90 4.49 10.77
CA HIS B 96 -2.02 5.08 12.10
C HIS B 96 -1.58 4.07 13.13
N VAL B 97 -0.65 4.45 14.01
CA VAL B 97 -0.14 3.53 15.01
C VAL B 97 -0.83 3.80 16.34
N GLU B 98 -1.58 2.82 16.81
CA GLU B 98 -2.47 3.05 17.95
C GLU B 98 -1.73 3.42 19.25
N ALA B 99 -0.66 2.69 19.55
CA ALA B 99 0.07 2.91 20.80
C ALA B 99 0.67 4.32 20.94
N SER B 100 1.10 4.91 19.83
CA SER B 100 1.81 6.19 19.85
C SER B 100 0.93 7.35 19.35
N GLY B 101 -0.13 7.04 18.62
CA GLY B 101 -0.96 8.06 18.01
C GLY B 101 -0.29 8.69 16.78
N GLU B 102 0.85 8.14 16.38
CA GLU B 102 1.59 8.67 15.22
C GLU B 102 1.04 8.12 13.91
N GLN B 103 1.24 8.87 12.83
CA GLN B 103 0.80 8.41 11.53
C GLN B 103 1.97 8.40 10.55
N TYR B 104 2.00 7.39 9.68
CA TYR B 104 3.09 7.23 8.74
C TYR B 104 2.48 7.21 7.35
N ARG B 105 3.11 7.95 6.44
CA ARG B 105 2.51 8.19 5.14
C ARG B 105 3.52 7.81 4.07
N PHE B 106 3.18 6.80 3.28
CA PHE B 106 4.08 6.30 2.25
C PHE B 106 3.52 6.70 0.90
N VAL B 107 4.27 7.57 0.20
CA VAL B 107 3.81 8.17 -1.04
C VAL B 107 4.63 7.64 -2.21
N MET B 108 3.96 6.90 -3.09
CA MET B 108 4.60 6.32 -4.27
C MET B 108 4.08 7.04 -5.51
N PRO B 109 4.76 6.87 -6.67
CA PRO B 109 4.31 7.57 -7.88
C PRO B 109 2.91 7.16 -8.33
N GLY B 110 2.32 7.97 -9.20
CA GLY B 110 1.04 7.63 -9.79
C GLY B 110 1.22 6.66 -10.95
N ALA B 111 0.11 6.20 -11.52
CA ALA B 111 0.15 5.29 -12.65
C ALA B 111 0.71 6.00 -13.88
N ALA B 112 1.27 5.22 -14.80
CA ALA B 112 1.78 5.76 -16.07
C ALA B 112 0.62 6.26 -16.94
N LEU B 113 0.92 7.28 -17.76
CA LEU B 113 0.01 7.73 -18.82
C LEU B 113 0.71 7.58 -20.16
N ASN B 114 -0.01 7.05 -21.15
CA ASN B 114 0.51 7.08 -22.52
C ASN B 114 0.11 8.38 -23.22
N GLU B 115 0.65 8.59 -24.42
CA GLU B 115 0.49 9.84 -25.14
C GLU B 115 -0.99 10.11 -25.42
N ASP B 116 -1.72 9.06 -25.76
CA ASP B 116 -3.13 9.20 -26.11
C ASP B 116 -4.03 9.56 -24.92
N GLU B 117 -3.73 9.00 -23.75
CA GLU B 117 -4.47 9.34 -22.54
C GLU B 117 -4.21 10.78 -22.12
N PHE B 118 -2.96 11.24 -22.30
CA PHE B 118 -2.64 12.62 -21.99
C PHE B 118 -3.33 13.55 -22.99
N ARG B 119 -3.37 13.15 -24.27
CA ARG B 119 -4.11 13.87 -25.30
C ARG B 119 -5.59 14.03 -24.92
N GLN B 120 -6.20 12.98 -24.35
CA GLN B 120 -7.60 13.06 -23.96
C GLN B 120 -7.79 13.97 -22.75
N LEU B 121 -6.83 13.94 -21.83
CA LEU B 121 -6.84 14.84 -20.69
C LEU B 121 -6.74 16.29 -21.14
N GLU B 122 -5.83 16.55 -22.07
CA GLU B 122 -5.67 17.91 -22.59
C GLU B 122 -6.95 18.37 -23.30
N GLU B 123 -7.61 17.42 -23.95
CA GLU B 123 -8.88 17.71 -24.63
C GLU B 123 -9.96 18.18 -23.65
N GLN B 124 -10.03 17.54 -22.49
CA GLN B 124 -11.00 17.93 -21.46
C GLN B 124 -10.66 19.31 -20.90
N VAL B 125 -9.38 19.58 -20.71
CA VAL B 125 -8.92 20.88 -20.26
C VAL B 125 -9.33 21.99 -21.22
N LEU B 126 -9.21 21.74 -22.52
CA LEU B 126 -9.53 22.76 -23.51
C LEU B 126 -11.04 22.91 -23.80
N GLU B 127 -11.86 22.10 -23.14
CA GLU B 127 -13.32 22.28 -23.20
C GLU B 127 -13.78 23.32 -22.16
N ILE B 128 -12.89 23.66 -21.24
CA ILE B 128 -13.15 24.68 -20.23
C ILE B 128 -13.26 26.06 -20.86
N GLU B 129 -14.32 26.80 -20.52
CA GLU B 129 -14.58 28.09 -21.14
C GLU B 129 -13.64 29.19 -20.65
N SER B 130 -13.54 30.27 -21.42
CA SER B 130 -12.69 31.40 -21.07
C SER B 130 -13.14 32.03 -19.76
N GLY B 131 -12.19 32.49 -18.95
CA GLY B 131 -12.51 33.09 -17.66
C GLY B 131 -12.53 32.09 -16.52
N ALA B 132 -12.84 30.84 -16.82
CA ALA B 132 -12.85 29.80 -15.78
C ALA B 132 -11.46 29.52 -15.24
N ILE B 133 -11.42 28.94 -14.04
CA ILE B 133 -10.15 28.72 -13.35
C ILE B 133 -9.75 27.25 -13.38
N LEU B 134 -8.47 26.98 -13.68
CA LEU B 134 -7.96 25.62 -13.64
C LEU B 134 -6.83 25.48 -12.63
N VAL B 135 -7.01 24.58 -11.66
CA VAL B 135 -5.96 24.31 -10.66
C VAL B 135 -5.18 23.06 -11.03
N ILE B 136 -3.93 23.22 -11.39
CA ILE B 136 -3.09 22.09 -11.74
C ILE B 136 -2.28 21.75 -10.50
N SER B 137 -2.52 20.58 -9.92
CA SER B 137 -1.88 20.29 -8.64
C SER B 137 -1.48 18.83 -8.52
N GLY B 138 -0.26 18.59 -8.04
CA GLY B 138 0.20 17.24 -7.76
C GLY B 138 1.47 16.92 -8.52
N SER B 139 1.93 15.67 -8.36
CA SER B 139 3.16 15.26 -9.02
C SER B 139 2.89 14.90 -10.47
N LEU B 140 3.98 14.76 -11.21
CA LEU B 140 3.92 14.37 -12.61
C LEU B 140 4.17 12.87 -12.70
N PRO B 141 3.24 12.13 -13.32
CA PRO B 141 3.35 10.67 -13.40
C PRO B 141 4.33 10.25 -14.50
N PRO B 142 4.77 8.99 -14.48
CA PRO B 142 5.57 8.41 -15.57
C PRO B 142 4.83 8.49 -16.89
N GLY B 143 5.56 8.60 -18.00
CA GLY B 143 4.95 8.62 -19.32
C GLY B 143 4.67 10.00 -19.90
N VAL B 144 4.82 11.04 -19.07
CA VAL B 144 4.53 12.41 -19.49
C VAL B 144 5.80 13.26 -19.51
N LYS B 145 6.18 13.76 -20.69
CA LYS B 145 7.32 14.66 -20.81
C LYS B 145 6.98 16.04 -20.23
N LEU B 146 7.97 16.70 -19.65
CA LEU B 146 7.77 18.01 -19.05
C LEU B 146 7.22 19.06 -20.02
N GLU B 147 7.65 18.98 -21.28
CA GLU B 147 7.19 19.98 -22.26
C GLU B 147 5.69 19.84 -22.53
N LYS B 148 5.18 18.63 -22.39
CA LYS B 148 3.75 18.38 -22.60
C LYS B 148 2.90 19.12 -21.55
N LEU B 149 3.44 19.23 -20.34
CA LEU B 149 2.79 19.99 -19.27
C LEU B 149 2.78 21.48 -19.60
N THR B 150 3.93 21.99 -20.04
CA THR B 150 4.03 23.40 -20.39
C THR B 150 3.15 23.74 -21.61
N GLN B 151 3.13 22.85 -22.59
CA GLN B 151 2.28 23.04 -23.76
C GLN B 151 0.79 23.02 -23.39
N LEU B 152 0.43 22.18 -22.43
CA LEU B 152 -0.97 22.14 -21.97
C LEU B 152 -1.36 23.47 -21.33
N ILE B 153 -0.50 23.97 -20.44
CA ILE B 153 -0.73 25.25 -19.78
C ILE B 153 -0.77 26.41 -20.78
N SER B 154 0.15 26.42 -21.75
CA SER B 154 0.13 27.43 -22.80
C SER B 154 -1.19 27.43 -23.57
N ALA B 155 -1.62 26.24 -24.00
CA ALA B 155 -2.85 26.11 -24.77
C ALA B 155 -4.05 26.58 -23.94
N ALA B 156 -4.08 26.22 -22.66
CA ALA B 156 -5.13 26.67 -21.75
C ALA B 156 -5.16 28.19 -21.67
N GLN B 157 -4.00 28.77 -21.44
CA GLN B 157 -3.90 30.22 -21.30
C GLN B 157 -4.27 30.97 -22.58
N LYS B 158 -3.99 30.36 -23.73
CA LYS B 158 -4.30 30.99 -25.01
CA LYS B 158 -4.30 30.99 -25.01
C LYS B 158 -5.79 31.19 -25.20
N GLN B 159 -6.61 30.32 -24.59
CA GLN B 159 -8.05 30.46 -24.72
C GLN B 159 -8.69 30.98 -23.44
N GLY B 160 -7.91 31.72 -22.67
CA GLY B 160 -8.43 32.49 -21.55
C GLY B 160 -8.64 31.74 -20.24
N ILE B 161 -8.15 30.51 -20.16
CA ILE B 161 -8.24 29.74 -18.92
C ILE B 161 -7.21 30.24 -17.90
N ARG B 162 -7.69 30.57 -16.70
CA ARG B 162 -6.86 31.11 -15.64
C ARG B 162 -6.24 29.97 -14.80
N CYS B 163 -4.92 29.85 -14.84
CA CYS B 163 -4.26 28.69 -14.26
C CYS B 163 -3.64 28.95 -12.88
N ILE B 164 -3.91 28.03 -11.95
CA ILE B 164 -3.30 28.04 -10.62
C ILE B 164 -2.46 26.78 -10.53
N VAL B 165 -1.24 26.92 -10.01
CA VAL B 165 -0.30 25.80 -9.98
C VAL B 165 0.19 25.46 -8.58
N ASP B 166 0.13 24.19 -8.21
CA ASP B 166 0.74 23.71 -6.97
C ASP B 166 1.45 22.40 -7.26
N SER B 167 2.78 22.42 -7.28
CA SER B 167 3.52 21.22 -7.65
C SER B 167 4.92 21.34 -7.08
N SER B 168 5.85 20.55 -7.58
CA SER B 168 7.20 20.58 -7.03
C SER B 168 8.19 20.15 -8.10
N GLY B 169 9.48 20.27 -7.78
CA GLY B 169 10.52 19.74 -8.65
C GLY B 169 10.45 20.29 -10.06
N GLU B 170 10.93 19.48 -11.00
CA GLU B 170 10.97 19.85 -12.41
C GLU B 170 9.59 20.21 -12.94
N ALA B 171 8.57 19.54 -12.43
CA ALA B 171 7.20 19.81 -12.87
C ALA B 171 6.82 21.27 -12.58
N LEU B 172 7.18 21.75 -11.40
CA LEU B 172 6.85 23.12 -11.01
C LEU B 172 7.59 24.14 -11.88
N SER B 173 8.90 23.94 -12.06
CA SER B 173 9.69 24.82 -12.91
C SER B 173 9.10 24.91 -14.32
N ALA B 174 8.67 23.76 -14.83
CA ALA B 174 8.12 23.67 -16.18
C ALA B 174 6.77 24.38 -16.29
N ALA B 175 5.93 24.24 -15.27
CA ALA B 175 4.65 24.93 -15.24
C ALA B 175 4.82 26.45 -15.19
N LEU B 176 5.94 26.92 -14.63
CA LEU B 176 6.21 28.35 -14.53
C LEU B 176 7.07 28.86 -15.69
N ALA B 177 7.53 27.96 -16.55
CA ALA B 177 8.47 28.31 -17.62
C ALA B 177 7.91 29.36 -18.60
N ILE B 178 6.66 29.21 -18.97
CA ILE B 178 6.06 30.16 -19.91
C ILE B 178 5.60 31.42 -19.18
N GLY B 179 5.06 31.24 -17.99
CA GLY B 179 4.69 32.36 -17.15
C GLY B 179 3.24 32.77 -17.24
N ASN B 180 2.93 33.91 -16.63
CA ASN B 180 1.56 34.43 -16.53
C ASN B 180 0.62 33.49 -15.77
N ILE B 181 1.19 32.67 -14.92
CA ILE B 181 0.39 31.87 -13.99
C ILE B 181 -0.32 32.80 -13.01
N GLU B 182 -1.61 32.56 -12.76
CA GLU B 182 -2.39 33.43 -11.87
C GLU B 182 -1.97 33.38 -10.41
N LEU B 183 -1.62 32.17 -9.95
CA LEU B 183 -1.29 31.95 -8.55
C LEU B 183 -0.48 30.67 -8.44
N VAL B 184 0.64 30.73 -7.71
CA VAL B 184 1.42 29.53 -7.42
C VAL B 184 1.61 29.44 -5.90
N LYS B 185 1.52 28.23 -5.34
CA LYS B 185 1.72 28.06 -3.89
C LYS B 185 2.84 27.07 -3.56
N PRO B 186 4.09 27.53 -3.66
CA PRO B 186 5.17 26.65 -3.20
C PRO B 186 5.21 26.70 -1.66
N ASN B 187 5.57 25.59 -1.02
CA ASN B 187 5.98 25.72 0.37
C ASN B 187 7.44 26.19 0.37
N GLN B 188 8.06 26.25 1.55
CA GLN B 188 9.41 26.80 1.64
C GLN B 188 10.44 25.99 0.87
N LYS B 189 10.41 24.67 1.02
CA LYS B 189 11.33 23.80 0.30
C LYS B 189 11.13 23.90 -1.21
N GLU B 190 9.88 23.97 -1.63
CA GLU B 190 9.54 24.07 -3.04
C GLU B 190 10.01 25.41 -3.61
N LEU B 191 9.84 26.49 -2.85
CA LEU B 191 10.34 27.81 -3.30
C LEU B 191 11.84 27.79 -3.50
N SER B 192 12.54 27.22 -2.52
CA SER B 192 14.01 27.13 -2.55
C SER B 192 14.51 26.38 -3.79
N ALA B 193 13.84 25.28 -4.13
CA ALA B 193 14.21 24.51 -5.31
C ALA B 193 13.90 25.28 -6.59
N LEU B 194 12.78 26.00 -6.58
CA LEU B 194 12.35 26.77 -7.75
C LEU B 194 13.33 27.88 -8.12
N VAL B 195 13.69 28.70 -7.14
CA VAL B 195 14.66 29.76 -7.40
C VAL B 195 16.10 29.27 -7.31
N ASN B 196 16.25 27.98 -6.99
CA ASN B 196 17.55 27.31 -7.03
C ASN B 196 18.59 27.92 -6.11
N ARG B 197 18.18 28.24 -4.88
CA ARG B 197 19.14 28.72 -3.89
C ARG B 197 18.60 28.53 -2.48
N GLU B 198 19.49 28.49 -1.49
CA GLU B 198 19.04 28.26 -0.12
C GLU B 198 18.50 29.56 0.47
N LEU B 199 17.47 29.46 1.29
CA LEU B 199 16.84 30.64 1.84
C LEU B 199 17.11 30.74 3.35
N THR B 200 18.29 31.24 3.69
CA THR B 200 18.75 31.21 5.07
C THR B 200 18.71 32.55 5.78
N GLN B 201 18.46 33.65 5.06
CA GLN B 201 18.40 34.97 5.71
C GLN B 201 16.93 35.35 5.96
N PRO B 202 16.67 36.23 6.94
CA PRO B 202 15.28 36.60 7.28
C PRO B 202 14.45 37.03 6.08
N ASP B 203 15.05 37.80 5.16
CA ASP B 203 14.33 38.37 4.03
C ASP B 203 14.30 37.51 2.77
N ASP B 204 14.96 36.35 2.80
CA ASP B 204 15.16 35.55 1.58
C ASP B 204 13.85 35.04 0.99
N VAL B 205 12.93 34.58 1.83
CA VAL B 205 11.68 34.05 1.31
C VAL B 205 10.92 35.14 0.56
N ARG B 206 10.79 36.30 1.19
CA ARG B 206 10.11 37.43 0.54
C ARG B 206 10.78 37.79 -0.78
N LYS B 207 12.09 37.93 -0.77
CA LYS B 207 12.81 38.35 -1.99
C LYS B 207 12.69 37.31 -3.09
N ALA B 208 12.76 36.03 -2.74
CA ALA B 208 12.61 34.97 -3.73
C ALA B 208 11.20 34.96 -4.35
N ALA B 209 10.18 35.18 -3.54
CA ALA B 209 8.81 35.23 -4.03
C ALA B 209 8.65 36.44 -4.95
N GLN B 210 9.19 37.58 -4.53
CA GLN B 210 9.12 38.82 -5.31
C GLN B 210 9.81 38.66 -6.66
N GLU B 211 10.89 37.89 -6.67
CA GLU B 211 11.68 37.70 -7.88
C GLU B 211 10.88 36.90 -8.92
N ILE B 212 10.03 36.00 -8.43
CA ILE B 212 9.14 35.23 -9.29
C ILE B 212 8.06 36.13 -9.89
N VAL B 213 7.42 36.96 -9.06
CA VAL B 213 6.45 37.92 -9.57
C VAL B 213 7.08 38.90 -10.57
N ASN B 214 8.22 39.46 -10.21
CA ASN B 214 8.89 40.44 -11.07
C ASN B 214 9.28 39.89 -12.43
N SER B 215 9.56 38.60 -12.49
CA SER B 215 9.95 37.95 -13.74
C SER B 215 8.76 37.68 -14.67
N GLY B 216 7.54 37.81 -14.14
CA GLY B 216 6.35 37.58 -14.95
C GLY B 216 5.91 36.12 -14.97
N LYS B 217 6.58 35.29 -14.18
CA LYS B 217 6.25 33.86 -14.12
C LYS B 217 4.89 33.60 -13.46
N ALA B 218 4.57 34.41 -12.45
CA ALA B 218 3.32 34.28 -11.73
C ALA B 218 2.86 35.67 -11.30
N LYS B 219 1.56 35.92 -11.36
CA LYS B 219 1.03 37.21 -10.91
C LYS B 219 1.00 37.28 -9.39
N ARG B 220 0.79 36.13 -8.76
CA ARG B 220 0.67 36.03 -7.30
C ARG B 220 1.46 34.83 -6.85
N VAL B 221 2.32 35.02 -5.85
CA VAL B 221 3.03 33.89 -5.25
C VAL B 221 2.67 33.85 -3.79
N VAL B 222 2.09 32.75 -3.34
CA VAL B 222 1.81 32.59 -1.91
C VAL B 222 2.73 31.52 -1.37
N VAL B 223 3.74 31.91 -0.60
CA VAL B 223 4.65 30.93 -0.02
C VAL B 223 4.05 30.46 1.29
N SER B 224 3.70 29.18 1.35
CA SER B 224 3.13 28.66 2.59
C SER B 224 4.24 28.20 3.53
N LEU B 225 4.07 28.48 4.82
CA LEU B 225 5.15 28.40 5.80
C LEU B 225 4.79 27.47 6.99
N GLY B 226 3.95 26.47 6.74
CA GLY B 226 3.59 25.54 7.80
C GLY B 226 2.94 26.29 8.94
N PRO B 227 3.44 26.08 10.17
CA PRO B 227 2.76 26.73 11.31
C PRO B 227 2.92 28.25 11.33
N GLN B 228 3.85 28.78 10.55
CA GLN B 228 4.02 30.23 10.45
C GLN B 228 3.03 30.87 9.48
N GLY B 229 2.17 30.06 8.87
CA GLY B 229 1.12 30.61 8.01
C GLY B 229 1.61 30.74 6.57
N ALA B 230 1.56 31.96 6.03
CA ALA B 230 1.93 32.17 4.62
C ALA B 230 2.36 33.60 4.34
N LEU B 231 3.14 33.76 3.29
CA LEU B 231 3.57 35.05 2.83
C LEU B 231 3.06 35.19 1.38
N GLY B 232 2.14 36.13 1.15
CA GLY B 232 1.60 36.35 -0.18
C GLY B 232 2.25 37.55 -0.82
N VAL B 233 2.57 37.43 -2.11
CA VAL B 233 3.26 38.50 -2.80
C VAL B 233 2.60 38.80 -4.15
N ASP B 234 2.40 40.09 -4.37
CA ASP B 234 1.82 40.68 -5.58
C ASP B 234 2.85 41.63 -6.18
N SER B 235 2.52 42.21 -7.33
CA SER B 235 3.33 43.29 -7.85
C SER B 235 3.27 44.52 -6.94
N GLU B 236 2.24 44.61 -6.10
CA GLU B 236 2.05 45.81 -5.28
C GLU B 236 2.04 45.57 -3.79
N ASN B 237 2.01 44.30 -3.38
CA ASN B 237 1.82 44.00 -1.97
C ASN B 237 2.59 42.78 -1.50
N CYS B 238 2.92 42.80 -0.21
CA CYS B 238 3.55 41.69 0.46
CA CYS B 238 3.57 41.69 0.48
C CYS B 238 2.84 41.50 1.79
N ILE B 239 2.19 40.35 1.97
CA ILE B 239 1.41 40.17 3.21
C ILE B 239 1.72 38.87 3.92
N GLN B 240 2.03 38.95 5.21
CA GLN B 240 2.22 37.75 5.99
C GLN B 240 1.03 37.53 6.94
N VAL B 241 0.50 36.32 6.90
CA VAL B 241 -0.63 35.94 7.74
C VAL B 241 -0.23 34.75 8.59
N VAL B 242 -0.37 34.87 9.92
CA VAL B 242 0.05 33.83 10.84
CA VAL B 242 0.03 33.80 10.79
C VAL B 242 -1.21 33.20 11.45
N PRO B 243 -1.25 31.86 11.55
CA PRO B 243 -2.43 31.18 12.09
C PRO B 243 -2.58 31.48 13.57
N PRO B 244 -3.78 31.28 14.11
CA PRO B 244 -3.98 31.44 15.55
C PRO B 244 -3.21 30.37 16.33
N PRO B 245 -2.88 30.67 17.59
CA PRO B 245 -2.07 29.75 18.41
C PRO B 245 -2.92 28.60 18.96
N VAL B 246 -3.28 27.68 18.06
CA VAL B 246 -4.02 26.49 18.42
C VAL B 246 -3.23 25.30 17.91
N LYS B 247 -3.12 24.26 18.75
CA LYS B 247 -2.34 23.06 18.46
C LYS B 247 -2.82 22.33 17.20
N SER B 248 -1.88 21.98 16.35
CA SER B 248 -2.18 21.16 15.16
C SER B 248 -2.31 19.71 15.58
N GLN B 249 -3.32 19.00 15.08
CA GLN B 249 -3.50 17.59 15.42
C GLN B 249 -2.86 16.71 14.36
N SER B 250 -3.12 17.06 13.10
CA SER B 250 -2.51 16.39 11.96
C SER B 250 -2.35 17.39 10.82
N THR B 251 -1.23 17.34 10.12
CA THR B 251 -1.00 18.28 9.03
C THR B 251 -1.43 17.78 7.65
N VAL B 252 -1.93 16.55 7.58
CA VAL B 252 -2.33 16.00 6.30
C VAL B 252 -3.46 16.83 5.71
N GLY B 253 -3.33 17.14 4.41
CA GLY B 253 -4.33 17.91 3.69
C GLY B 253 -4.27 19.41 3.88
N ALA B 254 -3.26 19.90 4.59
CA ALA B 254 -3.16 21.34 4.85
C ALA B 254 -2.93 22.15 3.58
N GLY B 255 -2.01 21.70 2.74
CA GLY B 255 -1.72 22.44 1.53
C GLY B 255 -2.89 22.50 0.55
N ASP B 256 -3.52 21.35 0.33
CA ASP B 256 -4.65 21.28 -0.60
C ASP B 256 -5.86 22.06 -0.10
N SER B 257 -6.09 22.03 1.22
CA SER B 257 -7.13 22.88 1.82
C SER B 257 -6.85 24.37 1.55
N MET B 258 -5.62 24.80 1.80
CA MET B 258 -5.25 26.19 1.54
C MET B 258 -5.45 26.57 0.08
N VAL B 259 -5.01 25.69 -0.83
CA VAL B 259 -5.18 25.94 -2.26
C VAL B 259 -6.66 26.03 -2.68
N GLY B 260 -7.50 25.11 -2.20
CA GLY B 260 -8.92 25.20 -2.52
C GLY B 260 -9.51 26.54 -2.07
N ALA B 261 -9.16 26.96 -0.85
CA ALA B 261 -9.68 28.21 -0.30
C ALA B 261 -9.22 29.42 -1.11
N MET B 262 -7.93 29.46 -1.44
CA MET B 262 -7.42 30.60 -2.21
C MET B 262 -8.01 30.63 -3.60
N THR B 263 -8.22 29.45 -4.17
CA THR B 263 -8.88 29.34 -5.47
C THR B 263 -10.27 29.97 -5.46
N LEU B 264 -11.03 29.73 -4.40
CA LEU B 264 -12.37 30.30 -4.29
C LEU B 264 -12.32 31.82 -4.19
N LYS B 265 -11.31 32.34 -3.48
CA LYS B 265 -11.18 33.79 -3.31
C LYS B 265 -10.76 34.41 -4.61
N LEU B 266 -9.87 33.73 -5.30
CA LEU B 266 -9.47 34.15 -6.64
C LEU B 266 -10.68 34.19 -7.57
N ALA B 267 -11.54 33.19 -7.48
CA ALA B 267 -12.77 33.18 -8.28
C ALA B 267 -13.70 34.34 -7.93
N GLU B 268 -13.55 34.89 -6.74
CA GLU B 268 -14.38 36.00 -6.28
C GLU B 268 -13.73 37.35 -6.52
N ASN B 269 -12.51 37.32 -7.08
CA ASN B 269 -11.69 38.50 -7.30
C ASN B 269 -11.40 39.24 -5.99
N ALA B 270 -11.16 38.46 -4.95
CA ALA B 270 -10.86 38.99 -3.63
C ALA B 270 -9.49 39.66 -3.62
N SER B 271 -9.25 40.51 -2.62
CA SER B 271 -7.95 41.14 -2.44
C SER B 271 -6.90 40.06 -2.13
N LEU B 272 -5.62 40.42 -2.28
CA LEU B 272 -4.53 39.50 -1.92
C LEU B 272 -4.59 39.16 -0.42
N GLU B 273 -4.85 40.17 0.40
CA GLU B 273 -4.94 39.95 1.83
C GLU B 273 -6.06 38.99 2.17
N GLU B 274 -7.24 39.21 1.60
CA GLU B 274 -8.38 38.33 1.83
C GLU B 274 -8.09 36.89 1.37
N MET B 275 -7.45 36.77 0.20
CA MET B 275 -7.08 35.48 -0.34
C MET B 275 -6.15 34.71 0.57
N VAL B 276 -5.08 35.37 1.01
CA VAL B 276 -4.11 34.69 1.85
C VAL B 276 -4.70 34.36 3.22
N ARG B 277 -5.49 35.28 3.77
CA ARG B 277 -6.12 35.00 5.05
C ARG B 277 -7.06 33.80 4.97
N PHE B 278 -7.86 33.74 3.91
CA PHE B 278 -8.76 32.60 3.76
C PHE B 278 -7.98 31.31 3.52
N GLY B 279 -6.88 31.39 2.78
CA GLY B 279 -6.00 30.23 2.61
C GLY B 279 -5.40 29.71 3.90
N VAL B 280 -4.89 30.61 4.73
CA VAL B 280 -4.34 30.21 6.03
C VAL B 280 -5.47 29.66 6.91
N ALA B 281 -6.63 30.30 6.88
CA ALA B 281 -7.77 29.81 7.65
C ALA B 281 -8.11 28.36 7.30
N ALA B 282 -8.14 28.04 6.02
CA ALA B 282 -8.46 26.69 5.57
C ALA B 282 -7.36 25.68 5.83
N GLY B 283 -6.11 26.07 5.58
CA GLY B 283 -4.99 25.17 5.81
C GLY B 283 -4.92 24.83 7.30
N SER B 284 -5.05 25.85 8.14
CA SER B 284 -4.92 25.66 9.57
C SER B 284 -6.15 24.95 10.14
N ALA B 285 -7.31 25.23 9.55
CA ALA B 285 -8.53 24.51 9.92
C ALA B 285 -8.33 23.02 9.64
N ALA B 286 -7.62 22.70 8.56
CA ALA B 286 -7.40 21.31 8.21
C ALA B 286 -6.61 20.59 9.30
N THR B 287 -5.63 21.28 9.87
CA THR B 287 -4.77 20.71 10.90
C THR B 287 -5.53 20.33 12.18
N LEU B 288 -6.66 20.99 12.40
CA LEU B 288 -7.47 20.75 13.60
C LEU B 288 -8.03 19.33 13.67
N ASN B 289 -8.09 18.67 12.52
CA ASN B 289 -8.67 17.33 12.41
C ASN B 289 -7.62 16.22 12.36
N GLN B 290 -7.95 15.11 13.01
CA GLN B 290 -7.11 13.94 13.06
C GLN B 290 -7.00 13.28 11.69
N GLY B 291 -5.87 12.63 11.45
CA GLY B 291 -5.65 11.92 10.21
C GLY B 291 -5.72 12.74 8.94
N THR B 292 -6.46 12.22 7.97
CA THR B 292 -6.54 12.81 6.63
C THR B 292 -7.69 13.78 6.38
N ARG B 293 -8.53 14.04 7.37
CA ARG B 293 -9.68 14.89 7.16
C ARG B 293 -9.29 16.31 6.74
N LEU B 294 -9.96 16.81 5.71
CA LEU B 294 -9.74 18.14 5.16
C LEU B 294 -10.46 19.24 5.96
N CYS B 295 -10.15 20.50 5.66
CA CYS B 295 -10.77 21.63 6.35
C CYS B 295 -12.30 21.53 6.36
N SER B 296 -12.93 21.96 7.46
CA SER B 296 -14.38 22.07 7.50
C SER B 296 -14.78 23.53 7.29
N HIS B 297 -16.02 23.76 6.87
CA HIS B 297 -16.51 25.10 6.60
C HIS B 297 -16.49 25.94 7.87
N ASP B 298 -17.04 25.38 8.94
CA ASP B 298 -17.20 26.09 10.21
C ASP B 298 -15.86 26.46 10.86
N ASP B 299 -14.88 25.57 10.81
CA ASP B 299 -13.56 25.87 11.39
C ASP B 299 -12.83 26.93 10.58
N THR B 300 -12.92 26.83 9.26
CA THR B 300 -12.28 27.83 8.40
C THR B 300 -12.90 29.20 8.64
N GLN B 301 -14.23 29.23 8.69
CA GLN B 301 -14.95 30.50 8.93
C GLN B 301 -14.51 31.14 10.26
N LYS B 302 -14.40 30.31 11.31
CA LYS B 302 -14.00 30.80 12.62
C LYS B 302 -12.58 31.38 12.60
N ILE B 303 -11.64 30.69 11.94
CA ILE B 303 -10.27 31.18 11.90
C ILE B 303 -10.18 32.41 11.01
N TYR B 304 -10.90 32.40 9.90
CA TYR B 304 -10.94 33.58 9.03
C TYR B 304 -11.45 34.83 9.77
N ALA B 305 -12.50 34.68 10.57
CA ALA B 305 -13.01 35.82 11.34
C ALA B 305 -11.97 36.33 12.32
N TYR B 306 -11.17 35.42 12.88
CA TYR B 306 -10.08 35.80 13.78
C TYR B 306 -8.99 36.56 13.03
N LEU B 307 -8.58 36.04 11.88
CA LEU B 307 -7.54 36.68 11.08
C LEU B 307 -7.96 38.07 10.57
N SER B 308 -9.27 38.29 10.48
CA SER B 308 -9.81 39.53 9.93
C SER B 308 -10.00 40.63 10.98
PG ATP C . 6.80 -16.75 8.82
O1G ATP C . 5.44 -17.21 8.39
O2G ATP C . 7.56 -16.45 7.52
O3G ATP C . 6.82 -15.55 9.70
PB ATP C . 7.02 -18.68 10.75
O1B ATP C . 6.86 -17.68 11.93
O2B ATP C . 5.75 -19.49 10.36
O3B ATP C . 7.57 -17.91 9.47
PA ATP C . 9.56 -19.58 11.71
O1A ATP C . 9.82 -18.16 12.16
O2A ATP C . 9.74 -20.61 12.81
O3A ATP C . 8.16 -19.74 11.10
O5' ATP C . 10.57 -19.88 10.48
C5' ATP C . 10.65 -21.15 9.91
C4' ATP C . 11.99 -21.75 9.84
O4' ATP C . 12.86 -20.75 9.26
C3' ATP C . 12.59 -21.98 11.16
O3' ATP C . 12.24 -23.20 11.67
C2' ATP C . 14.04 -21.90 10.88
O2' ATP C . 14.46 -23.01 10.19
C1' ATP C . 14.11 -20.77 9.94
N9 ATP C . 14.33 -19.52 10.64
C8 ATP C . 13.38 -18.62 10.96
N7 ATP C . 14.01 -17.59 11.59
C5 ATP C . 15.33 -17.87 11.67
C6 ATP C . 16.45 -17.20 12.19
N6 ATP C . 16.29 -15.88 12.86
N1 ATP C . 17.66 -17.76 12.08
C2 ATP C . 17.82 -18.95 11.49
N3 ATP C . 16.79 -19.62 10.97
C4 ATP C . 15.55 -19.10 11.06
MG MG D . 4.28 -18.75 9.22
MG MG E . 6.88 -15.69 11.80
CS CS F . 14.57 -13.47 3.06
MG MG G . 4.14 19.92 3.45
PG ATP H . 6.25 18.43 1.32
PG ATP H . 6.17 18.45 1.39
O1G ATP H . 5.15 19.35 1.71
O1G ATP H . 5.80 17.79 0.11
O2G ATP H . 5.79 17.69 0.06
O2G ATP H . 7.50 19.19 1.10
O3G ATP H . 7.52 19.18 1.01
O3G ATP H . 5.09 19.39 1.85
PB ATP H . 6.07 17.39 3.93
PB ATP H . 6.17 17.35 3.96
O1B ATP H . 6.22 15.89 4.44
O1B ATP H . 4.75 17.97 4.25
O2B ATP H . 4.65 17.91 4.24
O2B ATP H . 6.26 15.90 4.51
O3B ATP H . 6.44 17.33 2.38
O3B ATP H . 6.46 17.31 2.39
PA ATP H . 8.48 17.84 5.14
PA ATP H . 8.58 17.82 5.11
O1A ATP H . 9.00 16.68 4.30
O1A ATP H . 9.07 16.69 4.25
O2A ATP H . 9.49 19.00 5.10
O2A ATP H . 9.57 18.99 5.10
O3A ATP H . 7.13 18.30 4.62
O3A ATP H . 7.22 18.29 4.61
O5' ATP H . 8.27 17.33 6.65
O5' ATP H . 8.33 17.27 6.60
C5' ATP H . 7.12 17.64 7.36
C5' ATP H . 9.36 16.75 7.36
C4' ATP H . 7.13 17.22 8.75
C4' ATP H . 9.19 16.91 8.79
O4' ATP H . 7.71 15.91 8.82
O4' ATP H . 9.07 18.33 9.07
C3' ATP H . 8.07 18.09 9.48
C3' ATP H . 7.89 16.34 9.16
O3' ATP H . 7.39 19.13 10.08
O3' ATP H . 8.03 15.03 9.57
C2' ATP H . 8.72 17.21 10.46
C2' ATP H . 7.42 17.19 10.25
O2' ATP H . 7.99 17.17 11.61
O2' ATP H . 7.96 16.75 11.42
C1' ATP H . 8.73 15.88 9.80
C1' ATP H . 7.94 18.53 9.89
N9 ATP H . 10.03 15.56 9.21
N9 ATP H . 6.91 19.32 9.22
C8 ATP H . 10.43 15.90 7.97
C8 ATP H . 6.77 19.50 7.89
N7 ATP H . 11.67 15.43 7.77
N7 ATP H . 5.69 20.28 7.66
C5 ATP H . 12.08 14.77 8.88
C5 ATP H . 5.16 20.63 8.86
C6 ATP H . 13.25 14.09 9.22
C6 ATP H . 4.06 21.41 9.26
N6 ATP H . 14.40 13.99 8.25
N6 ATP H . 3.19 22.09 8.24
N1 ATP H . 13.33 13.53 10.44
N1 ATP H . 3.80 21.54 10.57
C2 ATP H . 12.31 13.62 11.32
C2 ATP H . 4.56 20.93 11.50
N3 ATP H . 11.18 14.27 11.00
N3 ATP H . 5.60 20.18 11.15
C4 ATP H . 11.02 14.85 9.81
C4 ATP H . 5.93 20.00 9.86
PG ATP I . 3.93 -14.48 12.69
PG ATP I . 3.99 -14.48 12.64
O1G ATP I . 4.76 -15.56 12.09
O1G ATP I . 2.72 -14.43 11.84
O2G ATP I . 2.69 -14.35 11.80
O2G ATP I . 3.56 -14.79 14.09
O3G ATP I . 3.50 -14.81 14.10
O3G ATP I . 4.91 -15.53 12.08
PB ATP I . 6.10 -12.68 12.70
PB ATP I . 6.05 -12.60 12.76
O1B ATP I . 6.15 -11.12 12.41
O1B ATP I . 6.96 -13.47 11.80
O2B ATP I . 7.03 -13.45 11.74
O2B ATP I . 6.19 -11.10 12.43
O3B ATP I . 4.56 -13.09 12.56
O3B ATP I . 4.53 -13.05 12.57
PA ATP I . 6.39 -12.00 15.36
PA ATP I . 6.37 -11.98 15.39
O1A ATP I . 5.12 -11.17 15.24
O1A ATP I . 5.10 -11.16 15.29
O2A ATP I . 6.38 -12.78 16.69
O2A ATP I . 6.41 -12.75 16.72
O3A ATP I . 6.49 -12.96 14.19
O3A ATP I . 6.46 -12.95 14.23
O5' ATP I . 7.67 -11.02 15.31
O5' ATP I . 7.62 -10.95 15.29
C5' ATP I . 8.86 -11.44 14.75
C5' ATP I . 7.77 -9.93 16.20
C4' ATP I . 9.95 -10.48 14.80
C4' ATP I . 9.12 -9.66 16.66
O4' ATP I . 9.38 -9.16 14.81
O4' ATP I . 9.77 -10.93 16.89
C3' ATP I . 10.70 -10.61 16.06
C3' ATP I . 9.86 -8.97 15.58
O3' ATP I . 11.83 -11.37 15.86
O3' ATP I . 10.31 -7.76 16.05
C2' ATP I . 11.07 -9.24 16.42
C2' ATP I . 10.96 -9.86 15.18
O2' ATP I . 12.29 -8.95 15.89
O2' ATP I . 12.16 -9.23 15.30
C1' ATP I . 10.02 -8.38 15.80
C1' ATP I . 10.91 -11.05 16.07
N9 ATP I . 9.08 -7.87 16.78
N9 ATP I . 10.89 -12.31 15.31
C8 ATP I . 7.90 -8.44 17.11
C8 ATP I . 9.78 -12.94 14.87
N7 ATP I . 7.30 -7.67 18.05
N7 ATP I . 10.17 -14.05 14.21
C5 ATP I . 8.11 -6.60 18.30
C5 ATP I . 11.52 -14.14 14.24
C6 ATP I . 8.00 -5.49 19.15
C6 ATP I . 12.43 -15.06 13.74
N6 ATP I . 6.80 -5.31 20.04
N6 ATP I . 11.96 -16.26 12.98
N1 ATP I . 9.00 -4.59 19.16
N1 ATP I . 13.74 -14.85 13.94
C2 ATP I . 10.08 -4.74 18.37
C2 ATP I . 14.17 -13.77 14.62
N3 ATP I . 10.20 -5.79 17.54
N3 ATP I . 13.31 -12.87 15.11
C4 ATP I . 9.24 -6.73 17.49
C4 ATP I . 11.99 -13.02 14.94
MG MG J . 1.87 21.34 -0.74
PG ATP K . 1.16 19.78 2.17
O1G ATP K . 1.13 19.69 0.68
O2G ATP K . -0.20 19.22 2.65
O3G ATP K . 2.28 19.02 2.79
PB ATP K . 2.29 22.31 2.16
O1B ATP K . 3.69 21.79 2.67
O2B ATP K . 2.18 22.60 0.66
O3B ATP K . 1.16 21.27 2.57
PA ATP K . 2.03 24.10 4.41
O1A ATP K . 2.73 23.05 5.24
O2A ATP K . 2.68 25.48 4.52
O3A ATP K . 1.95 23.65 2.95
O5' ATP K . 0.48 24.14 4.91
C5' ATP K . -0.38 25.11 4.41
C4' ATP K . -1.11 25.91 5.41
O4' ATP K . -1.62 25.00 6.40
C3' ATP K . -0.21 26.77 6.19
O3' ATP K . 0.01 27.98 5.57
C2' ATP K . -0.96 26.96 7.44
O2' ATP K . -1.97 27.87 7.23
C1' ATP K . -1.52 25.62 7.67
N9 ATP K . -0.64 24.82 8.51
C8 ATP K . 0.21 23.88 8.07
N7 ATP K . 0.83 23.39 9.16
C5 ATP K . 0.37 23.98 10.27
C6 ATP K . 0.64 23.87 11.63
N6 ATP K . 1.65 22.88 12.14
N1 ATP K . -0.05 24.65 12.49
C2 ATP K . -0.96 25.54 12.06
N3 ATP K . -1.23 25.67 10.76
C4 ATP K . -0.59 24.92 9.85
CS CS L . -5.84 16.71 8.95
#